data_8FEG
#
_entry.id   8FEG
#
_cell.length_a   1.00
_cell.length_b   1.00
_cell.length_c   1.00
_cell.angle_alpha   90.00
_cell.angle_beta   90.00
_cell.angle_gamma   90.00
#
_symmetry.space_group_name_H-M   'P 1'
#
loop_
_entity.id
_entity.type
_entity.pdbx_description
1 polymer 'Guanine nucleotide-binding protein G(i) subunit alpha-1'
2 polymer 'Guanine nucleotide-binding protein G(I)/G(S)/G(T) subunit beta-1'
3 polymer 'Guanine nucleotide-binding protein G(I)/G(S)/G(O) subunit gamma-2'
4 polymer 'scFv16 antibody fragment'
5 polymer 'Kappa-type opioid receptor'
6 polymer ACE-TYR-ALA-DTY-THR-THR-CYS-THR-DPN-XT9
7 water water
#
loop_
_entity_poly.entity_id
_entity_poly.type
_entity_poly.pdbx_seq_one_letter_code
_entity_poly.pdbx_strand_id
1 'polypeptide(L)'
;MGCTLSAEDKAAVERSKMIDRNLREDGEKAAREVKLLLLGAGESGKNTIVKQMKIIHEAGYSEEECKQYKAVVYSNTIQS
IIAIIRAMGRLKIDFGDSARADDARQLFVLAGAAEEGFMTAELAGVIKRLWKDSGVQACFNRSREYQLNDSAAYYLNDLD
RIAQPNYIPTQQDVLRTRVKTTGIVETHFTFKDLHFKMFDVGAQRSERKKWIHCFEGVTAIIFCVALSDYDLVLAEDEEM
NRMHASMKLFDSICNNKWFTDTSIILFLNKKDLFEEKIKKSPLTICYPEYAGSNTYEEAAAYIQCQFEDLNKRKDTKEIY
THFTCSTDTKNVQFVFDAVTDVIIKNNLKDCGLF
;
C
2 'polypeptide(L)'
;MHHHHHHLEVLFQGPGSSGSELDQLRQEAEQLKNQIRDARKACADATLSQITNNIDPVGRIQMRTRRTLRGHLAKIYAMH
WGTDSRLLVSASQDGKLIIWDSYTTNKVHAIPLRSSWVMTCAYAPSGNYVACGGLDNICSIYNLKTREGNVRVSRELAGH
TGYLSCCRFLDDNQIVTSSGDTTCALWDIETGQQTTTFTGHTGDVMSLSLAPDTRLFVSGACDASAKLWDVREGMCRQTF
TGHESDINAICFFPNGNAFATGSDDATCRLFDLRADQELMTYSHDNIICGITSVSFSKSGRLLLAGYDDFNCNVWDALKA
DRAGVLAGHDNRVSCLGVTDDGMAVATGSWDSFLKIWN
;
D
3 'polypeptide(L)' MASNNTASIAQARKLVEQLKMEANIDRIKVSKAAADLMAYCEAHAKEDPLLTPVPASENPFREKKFFCAIL E
4 'polypeptide(L)'
;DVQLVESGGGLVQPGGSRKLSCSASGFAFSSFGMHWVRQAPEKGLEWVAYISSGSGTIYYADTVKGRFTISRDDPKNTLF
LQMTSLRSEDTAMYYCVRSIYYYGSSPFDFWGQGTTLTVSSGGGGSGGGGSGGGGSDIVMTQATSSVPVTPGESVSISCR
SSKSLLHSNGNTYLYWFLQRPGQSPQLLIYRMSNLASGVPDRFSGSGSGTAFTLTISRLEAEDVGVYYCMQHLEYPLTFG
AGTKLELKAAA
;
F
5 'polypeptide(L)'
;LGSISPAIPVIITAVYSVVFVVGLVGNSLVMFVIIRYTKMKTATNIYIFNLALADALVTTTMPFQSTVYLMNSWPFGDVL
CKIVLSIDYYNMFTSIFTLTMMSVDRYIAVCHPVKALDFRTPLKAKIINICIWLLSSSVGISAIVLGGTKVREDVDVIEC
SLQFPDDDYSWWDLFMKICVFIFAFVIPVLIIIVCYTLMILRLKSVRLLSGSREKDRNLRRITRLVLVVVAVFVVCWTPI
HIFILVEALGSTSHSTAALSSYYFCIALGYTNSCLNPILYAFLDENFKRCFRDFCFPLKMRMERQSTS
;
B
6 'polypeptide(L)' (ACE)YA(DTY)TTCT(DPN)(XT9) A
#
# COMPACT_ATOMS: atom_id res chain seq x y z
N LEU A 5 -23.73 -3.89 9.69
CA LEU A 5 -22.60 -4.34 10.47
C LEU A 5 -22.98 -4.55 11.93
N SER A 6 -22.31 -5.47 12.60
CA SER A 6 -22.51 -5.70 14.02
C SER A 6 -21.76 -4.63 14.83
N ALA A 7 -21.93 -4.71 16.14
CA ALA A 7 -21.30 -3.74 17.04
C ALA A 7 -19.78 -3.89 17.03
N GLU A 8 -19.30 -5.12 17.18
CA GLU A 8 -17.87 -5.39 17.16
C GLU A 8 -17.27 -5.16 15.78
N ASP A 9 -18.06 -5.36 14.72
CA ASP A 9 -17.60 -5.05 13.38
C ASP A 9 -17.35 -3.56 13.19
N LYS A 10 -18.26 -2.72 13.69
CA LYS A 10 -18.09 -1.27 13.60
C LYS A 10 -16.90 -0.81 14.45
N ALA A 11 -16.71 -1.42 15.62
CA ALA A 11 -15.55 -1.08 16.43
C ALA A 11 -14.25 -1.49 15.74
N ALA A 12 -14.26 -2.63 15.05
CA ALA A 12 -13.09 -3.04 14.27
C ALA A 12 -12.82 -2.09 13.10
N VAL A 13 -13.87 -1.59 12.46
CA VAL A 13 -13.70 -0.61 11.39
C VAL A 13 -13.10 0.70 11.94
N GLU A 14 -13.54 1.09 13.14
CA GLU A 14 -12.96 2.27 13.78
C GLU A 14 -11.48 2.08 14.08
N ARG A 15 -11.10 0.89 14.54
CA ARG A 15 -9.69 0.57 14.76
C ARG A 15 -8.90 0.63 13.46
N SER A 16 -9.48 0.12 12.37
CA SER A 16 -8.82 0.16 11.07
C SER A 16 -8.62 1.60 10.60
N LYS A 17 -9.60 2.47 10.85
CA LYS A 17 -9.47 3.87 10.48
C LYS A 17 -8.38 4.57 11.30
N MET A 18 -8.27 4.23 12.58
CA MET A 18 -7.17 4.78 13.39
C MET A 18 -5.81 4.34 12.86
N ILE A 19 -5.71 3.07 12.45
CA ILE A 19 -4.46 2.59 11.86
C ILE A 19 -4.19 3.32 10.54
N ASP A 20 -5.25 3.62 9.79
CA ASP A 20 -5.12 4.39 8.55
C ASP A 20 -4.53 5.77 8.80
N ARG A 21 -5.05 6.48 9.81
CA ARG A 21 -4.56 7.83 10.06
C ARG A 21 -3.14 7.80 10.62
N ASN A 22 -2.79 6.78 11.41
CA ASN A 22 -1.41 6.66 11.87
C ASN A 22 -0.45 6.38 10.71
N LEU A 23 -0.86 5.52 9.77
CA LEU A 23 -0.04 5.24 8.59
C LEU A 23 0.12 6.48 7.72
N ARG A 24 -0.95 7.26 7.56
CA ARG A 24 -0.86 8.50 6.78
C ARG A 24 0.06 9.52 7.45
N GLU A 25 0.00 9.62 8.77
CA GLU A 25 0.90 10.53 9.50
C GLU A 25 2.35 10.12 9.34
N ASP A 26 2.63 8.81 9.43
CA ASP A 26 4.00 8.32 9.23
C ASP A 26 4.46 8.58 7.80
N GLY A 27 3.56 8.42 6.82
CA GLY A 27 3.92 8.70 5.44
C GLY A 27 4.19 10.16 5.17
N GLU A 28 3.40 11.05 5.77
CA GLU A 28 3.67 12.48 5.63
C GLU A 28 4.98 12.86 6.29
N LYS A 29 5.32 12.23 7.42
CA LYS A 29 6.60 12.49 8.05
C LYS A 29 7.75 11.98 7.19
N ALA A 30 7.58 10.83 6.54
CA ALA A 30 8.65 10.23 5.75
C ALA A 30 8.76 10.77 4.34
N ALA A 31 7.79 11.58 3.88
CA ALA A 31 7.87 12.15 2.55
C ALA A 31 9.02 13.13 2.37
N ARG A 32 9.52 13.71 3.46
CA ARG A 32 10.65 14.62 3.38
C ARG A 32 11.96 13.88 3.12
N GLU A 33 12.06 12.64 3.59
CA GLU A 33 13.33 11.91 3.65
C GLU A 33 13.87 11.58 2.26
N VAL A 34 15.20 11.48 2.18
CA VAL A 34 15.91 11.19 0.96
C VAL A 34 16.86 10.01 1.23
N LYS A 35 16.78 8.99 0.39
CA LYS A 35 17.59 7.79 0.55
C LYS A 35 18.73 7.78 -0.46
N LEU A 36 19.95 7.65 0.05
CA LEU A 36 21.16 7.63 -0.77
C LEU A 36 21.92 6.34 -0.53
N LEU A 37 22.50 5.79 -1.60
CA LEU A 37 23.25 4.54 -1.52
C LEU A 37 24.73 4.83 -1.66
N LEU A 38 25.50 4.53 -0.63
CA LEU A 38 26.92 4.83 -0.62
C LEU A 38 27.70 3.61 -1.10
N LEU A 39 28.50 3.78 -2.15
CA LEU A 39 29.34 2.73 -2.70
C LEU A 39 30.77 3.22 -2.78
N GLY A 40 31.71 2.30 -2.60
CA GLY A 40 33.12 2.63 -2.66
C GLY A 40 33.99 1.74 -1.79
N THR A 182 26.65 -7.32 11.54
CA THR A 182 26.60 -7.28 10.08
C THR A 182 25.29 -6.69 9.59
N GLY A 183 25.20 -6.48 8.27
CA GLY A 183 24.02 -5.90 7.66
C GLY A 183 24.33 -4.55 7.04
N ILE A 184 23.36 -3.64 7.14
CA ILE A 184 23.51 -2.30 6.60
C ILE A 184 24.08 -1.39 7.68
N VAL A 185 24.64 -0.26 7.24
CA VAL A 185 25.07 0.81 8.15
C VAL A 185 24.30 2.06 7.75
N GLU A 186 23.31 2.44 8.57
CA GLU A 186 22.44 3.57 8.27
C GLU A 186 22.93 4.79 9.04
N THR A 187 23.22 5.87 8.32
CA THR A 187 23.62 7.14 8.90
C THR A 187 22.60 8.20 8.52
N HIS A 188 21.99 8.83 9.52
CA HIS A 188 20.90 9.78 9.30
C HIS A 188 21.35 11.17 9.70
N PHE A 189 21.17 12.14 8.79
CA PHE A 189 21.45 13.53 9.10
C PHE A 189 20.44 14.41 8.37
N THR A 190 20.58 15.73 8.53
CA THR A 190 19.61 16.68 8.01
C THR A 190 20.33 17.88 7.41
N PHE A 191 19.91 18.31 6.24
CA PHE A 191 20.48 19.48 5.57
C PHE A 191 19.36 20.22 4.85
N LYS A 192 19.13 21.47 5.26
CA LYS A 192 18.23 22.41 4.59
C LYS A 192 16.83 21.82 4.38
N ASP A 193 16.25 21.33 5.48
CA ASP A 193 14.94 20.69 5.51
C ASP A 193 14.88 19.49 4.57
N LEU A 194 15.96 18.73 4.50
CA LEU A 194 15.98 17.44 3.82
C LEU A 194 16.69 16.44 4.72
N HIS A 195 15.99 15.37 5.09
CA HIS A 195 16.55 14.33 5.95
C HIS A 195 17.20 13.28 5.06
N PHE A 196 18.52 13.16 5.13
CA PHE A 196 19.27 12.22 4.33
C PHE A 196 19.58 10.98 5.14
N LYS A 197 19.33 9.82 4.53
CA LYS A 197 19.72 8.52 5.10
C LYS A 197 20.70 7.87 4.14
N MET A 198 21.95 7.74 4.58
CA MET A 198 23.01 7.10 3.82
C MET A 198 23.09 5.64 4.27
N PHE A 199 22.97 4.72 3.34
CA PHE A 199 23.05 3.30 3.62
C PHE A 199 24.38 2.76 3.11
N ASP A 200 25.38 2.72 3.97
CA ASP A 200 26.63 2.05 3.65
C ASP A 200 26.41 0.55 3.63
N VAL A 201 26.65 -0.07 2.49
CA VAL A 201 26.39 -1.49 2.29
C VAL A 201 27.64 -2.28 1.94
N GLY A 202 28.66 -1.65 1.38
CA GLY A 202 29.88 -2.35 1.01
C GLY A 202 31.09 -1.91 1.82
N LYS A 209 25.26 -7.77 -7.42
CA LYS A 209 24.32 -7.79 -8.54
C LYS A 209 23.01 -8.46 -8.14
N LYS A 210 23.00 -9.05 -6.95
CA LYS A 210 21.78 -9.67 -6.42
C LYS A 210 21.10 -8.83 -5.36
N TRP A 211 21.85 -8.06 -4.57
CA TRP A 211 21.25 -7.13 -3.63
C TRP A 211 20.88 -5.81 -4.27
N ILE A 212 21.19 -5.63 -5.56
CA ILE A 212 20.87 -4.38 -6.25
C ILE A 212 19.40 -4.30 -6.61
N HIS A 213 18.68 -5.42 -6.53
CA HIS A 213 17.24 -5.44 -6.80
C HIS A 213 16.41 -4.98 -5.61
N CYS A 214 17.06 -4.52 -4.53
CA CYS A 214 16.37 -3.97 -3.36
C CYS A 214 16.60 -2.46 -3.24
N PHE A 215 17.01 -1.80 -4.31
CA PHE A 215 17.41 -0.39 -4.21
C PHE A 215 16.92 0.42 -5.40
N GLU A 216 15.84 0.01 -6.05
CA GLU A 216 15.39 0.71 -7.25
C GLU A 216 14.75 2.06 -6.94
N GLY A 217 14.36 2.29 -5.69
CA GLY A 217 13.72 3.53 -5.31
C GLY A 217 14.61 4.55 -4.66
N VAL A 218 15.94 4.36 -4.70
CA VAL A 218 16.82 5.32 -4.04
C VAL A 218 16.88 6.60 -4.84
N THR A 219 17.14 7.70 -4.16
CA THR A 219 17.24 8.98 -4.83
C THR A 219 18.53 9.07 -5.64
N ALA A 220 19.65 8.64 -5.08
CA ALA A 220 20.92 8.78 -5.74
C ALA A 220 21.93 7.78 -5.19
N ILE A 221 22.98 7.57 -5.98
CA ILE A 221 24.09 6.69 -5.58
C ILE A 221 25.33 7.55 -5.46
N ILE A 222 25.91 7.59 -4.27
CA ILE A 222 27.17 8.28 -4.04
C ILE A 222 28.29 7.28 -4.25
N PHE A 223 28.98 7.40 -5.37
CA PHE A 223 30.09 6.54 -5.74
C PHE A 223 31.39 7.25 -5.37
N CYS A 224 32.13 6.70 -4.41
CA CYS A 224 33.35 7.32 -3.92
C CYS A 224 34.56 6.57 -4.45
N VAL A 225 35.52 7.32 -4.99
CA VAL A 225 36.74 6.78 -5.56
C VAL A 225 37.92 7.53 -4.97
N ALA A 226 38.86 6.78 -4.39
CA ALA A 226 40.14 7.34 -4.00
C ALA A 226 41.08 7.31 -5.20
N LEU A 227 41.57 8.48 -5.61
CA LEU A 227 42.42 8.56 -6.80
C LEU A 227 43.76 7.89 -6.58
N SER A 228 44.33 7.99 -5.37
CA SER A 228 45.69 7.56 -5.07
C SER A 228 45.91 6.05 -5.27
N ASP A 229 44.83 5.27 -5.38
CA ASP A 229 44.95 3.86 -5.70
C ASP A 229 45.51 3.59 -7.09
N TYR A 230 45.64 4.62 -7.95
CA TYR A 230 46.38 4.44 -9.19
C TYR A 230 47.85 4.14 -8.91
N ASP A 231 48.39 4.63 -7.80
CA ASP A 231 49.78 4.41 -7.43
C ASP A 231 49.96 3.20 -6.51
N LEU A 232 48.89 2.48 -6.21
CA LEU A 232 48.98 1.33 -5.31
C LEU A 232 48.46 0.06 -6.00
N MET A 240 46.62 -6.62 -9.28
CA MET A 240 45.23 -6.22 -9.41
C MET A 240 45.06 -4.72 -9.16
N ASN A 241 44.79 -3.97 -10.23
CA ASN A 241 44.61 -2.52 -10.12
C ASN A 241 43.25 -2.20 -9.54
N ARG A 242 43.20 -1.24 -8.62
CA ARG A 242 41.94 -0.83 -8.02
C ARG A 242 41.10 0.01 -8.97
N MET A 243 41.74 0.73 -9.89
CA MET A 243 41.00 1.53 -10.86
C MET A 243 40.21 0.63 -11.82
N HIS A 244 40.75 -0.52 -12.18
CA HIS A 244 40.03 -1.43 -13.07
C HIS A 244 38.80 -2.00 -12.39
N ALA A 245 38.91 -2.36 -11.11
CA ALA A 245 37.74 -2.81 -10.36
C ALA A 245 36.73 -1.69 -10.19
N SER A 246 37.22 -0.46 -9.99
CA SER A 246 36.33 0.69 -9.85
C SER A 246 35.55 0.96 -11.13
N MET A 247 36.22 0.89 -12.29
CA MET A 247 35.51 1.14 -13.54
C MET A 247 34.59 -0.02 -13.91
N LYS A 248 34.95 -1.25 -13.56
CA LYS A 248 34.02 -2.37 -13.75
C LYS A 248 32.79 -2.22 -12.88
N LEU A 249 32.97 -1.77 -11.63
CA LEU A 249 31.83 -1.53 -10.74
C LEU A 249 30.97 -0.38 -11.26
N PHE A 250 31.60 0.66 -11.80
CA PHE A 250 30.85 1.79 -12.34
C PHE A 250 30.05 1.38 -13.57
N ASP A 251 30.65 0.53 -14.41
CA ASP A 251 29.92 -0.04 -15.56
C ASP A 251 28.75 -0.90 -15.09
N SER A 252 28.95 -1.68 -14.03
CA SER A 252 27.86 -2.50 -13.50
C SER A 252 26.74 -1.65 -12.94
N ILE A 253 27.08 -0.55 -12.27
CA ILE A 253 26.08 0.32 -11.67
C ILE A 253 25.45 1.28 -12.68
N CYS A 254 26.03 1.42 -13.87
CA CYS A 254 25.43 2.28 -14.90
C CYS A 254 24.71 1.53 -16.00
N ASN A 255 25.06 0.26 -16.26
CA ASN A 255 24.45 -0.50 -17.33
C ASN A 255 23.30 -1.37 -16.86
N ASN A 256 22.84 -1.19 -15.63
CA ASN A 256 21.69 -1.94 -15.14
C ASN A 256 20.41 -1.49 -15.83
N LYS A 257 19.54 -2.46 -16.12
CA LYS A 257 18.29 -2.15 -16.80
C LYS A 257 17.32 -1.42 -15.88
N TRP A 258 17.35 -1.71 -14.58
CA TRP A 258 16.46 -1.08 -13.62
C TRP A 258 17.03 0.21 -13.04
N PHE A 259 18.25 0.57 -13.39
CA PHE A 259 18.92 1.76 -12.87
C PHE A 259 19.26 2.74 -13.99
N THR A 260 18.35 2.89 -14.94
CA THR A 260 18.58 3.77 -16.08
C THR A 260 18.22 5.23 -15.79
N ASP A 261 17.70 5.52 -14.60
CA ASP A 261 17.32 6.90 -14.28
C ASP A 261 17.77 7.32 -12.88
N THR A 262 18.82 6.69 -12.34
CA THR A 262 19.31 7.00 -11.01
C THR A 262 20.62 7.76 -11.14
N SER A 263 20.66 8.96 -10.57
CA SER A 263 21.84 9.79 -10.67
C SER A 263 22.95 9.30 -9.74
N ILE A 264 24.18 9.58 -10.14
CA ILE A 264 25.37 9.18 -9.41
C ILE A 264 26.19 10.41 -9.09
N ILE A 265 26.49 10.61 -7.82
CA ILE A 265 27.42 11.63 -7.37
C ILE A 265 28.78 10.97 -7.21
N LEU A 266 29.73 11.37 -8.04
CA LEU A 266 31.04 10.73 -8.12
C LEU A 266 32.02 11.58 -7.33
N PHE A 267 32.32 11.15 -6.10
CA PHE A 267 33.33 11.80 -5.30
C PHE A 267 34.70 11.24 -5.67
N LEU A 268 35.67 12.14 -5.87
CA LEU A 268 37.04 11.77 -6.17
C LEU A 268 37.93 12.33 -5.06
N ASN A 269 38.23 11.49 -4.08
CA ASN A 269 39.01 11.91 -2.93
C ASN A 269 40.51 11.80 -3.24
N LYS A 270 41.32 12.01 -2.20
CA LYS A 270 42.78 11.91 -2.26
C LYS A 270 43.37 12.83 -3.33
N LYS A 271 42.85 14.06 -3.39
CA LYS A 271 43.35 15.01 -4.38
C LYS A 271 44.77 15.46 -4.05
N ASP A 272 45.05 15.72 -2.78
CA ASP A 272 46.39 16.13 -2.37
C ASP A 272 47.38 14.98 -2.52
N LEU A 273 46.96 13.76 -2.17
CA LEU A 273 47.84 12.59 -2.32
C LEU A 273 48.14 12.30 -3.78
N PHE A 274 47.13 12.43 -4.65
CA PHE A 274 47.34 12.23 -6.08
C PHE A 274 48.21 13.34 -6.65
N GLU A 275 48.06 14.57 -6.15
CA GLU A 275 48.93 15.66 -6.59
C GLU A 275 50.38 15.43 -6.18
N GLU A 276 50.59 14.90 -4.97
CA GLU A 276 51.95 14.62 -4.52
C GLU A 276 52.55 13.44 -5.27
N LYS A 277 51.75 12.42 -5.58
CA LYS A 277 52.26 11.23 -6.25
C LYS A 277 52.37 11.40 -7.75
N ILE A 278 51.73 12.42 -8.34
CA ILE A 278 51.82 12.64 -9.78
C ILE A 278 53.04 13.45 -10.17
N LYS A 279 53.70 14.10 -9.22
CA LYS A 279 54.90 14.86 -9.54
C LYS A 279 56.10 13.95 -9.75
N LYS A 280 56.18 12.85 -9.01
CA LYS A 280 57.28 11.91 -9.11
C LYS A 280 56.93 10.66 -9.93
N SER A 281 55.73 10.12 -9.74
CA SER A 281 55.32 8.92 -10.47
C SER A 281 54.38 9.32 -11.60
N PRO A 282 54.76 9.16 -12.86
CA PRO A 282 53.86 9.48 -13.97
C PRO A 282 52.81 8.39 -14.15
N LEU A 283 51.84 8.69 -15.02
CA LEU A 283 50.77 7.75 -15.34
C LEU A 283 51.20 6.67 -16.32
N THR A 284 52.34 6.84 -16.99
CA THR A 284 52.76 5.88 -18.01
C THR A 284 53.19 4.54 -17.42
N ILE A 285 53.48 4.49 -16.11
CA ILE A 285 53.79 3.22 -15.47
C ILE A 285 52.55 2.37 -15.27
N CYS A 286 51.37 2.99 -15.23
CA CYS A 286 50.12 2.26 -15.03
C CYS A 286 49.16 2.40 -16.20
N TYR A 287 48.94 3.62 -16.69
CA TYR A 287 47.99 3.88 -17.77
C TYR A 287 48.69 4.71 -18.84
N PRO A 288 49.51 4.09 -19.69
CA PRO A 288 50.28 4.86 -20.68
C PRO A 288 49.51 5.23 -21.94
N GLU A 289 48.25 4.86 -22.05
CA GLU A 289 47.47 5.15 -23.26
C GLU A 289 46.68 6.45 -23.17
N TYR A 290 46.85 7.22 -22.09
CA TYR A 290 46.09 8.46 -21.96
C TYR A 290 46.61 9.55 -22.88
N ALA A 291 47.92 9.55 -23.17
CA ALA A 291 48.57 10.48 -24.10
C ALA A 291 48.33 11.95 -23.72
N GLY A 292 48.80 12.30 -22.53
CA GLY A 292 48.64 13.66 -22.03
C GLY A 292 49.78 14.07 -21.13
N SER A 293 49.66 15.25 -20.52
CA SER A 293 50.71 15.76 -19.67
C SER A 293 50.66 15.12 -18.30
N ASN A 294 51.69 15.39 -17.49
CA ASN A 294 51.78 14.88 -16.13
C ASN A 294 51.39 15.92 -15.09
N THR A 295 50.76 17.01 -15.50
CA THR A 295 50.33 18.03 -14.56
C THR A 295 49.13 17.54 -13.76
N TYR A 296 48.84 18.26 -12.67
CA TYR A 296 47.74 17.89 -11.78
C TYR A 296 46.39 18.05 -12.46
N GLU A 297 46.14 19.22 -13.06
CA GLU A 297 44.82 19.53 -13.61
C GLU A 297 44.49 18.65 -14.81
N GLU A 298 45.46 18.46 -15.71
CA GLU A 298 45.21 17.67 -16.91
C GLU A 298 44.96 16.20 -16.57
N ALA A 299 45.73 15.65 -15.62
CA ALA A 299 45.52 14.26 -15.23
C ALA A 299 44.22 14.08 -14.46
N ALA A 300 43.84 15.07 -13.63
CA ALA A 300 42.55 15.02 -12.94
C ALA A 300 41.40 15.08 -13.93
N ALA A 301 41.50 15.94 -14.94
CA ALA A 301 40.46 16.01 -15.97
C ALA A 301 40.43 14.73 -16.81
N TYR A 302 41.59 14.12 -17.05
CA TYR A 302 41.64 12.86 -17.77
C TYR A 302 40.96 11.74 -17.00
N ILE A 303 41.19 11.67 -15.69
CA ILE A 303 40.54 10.66 -14.85
C ILE A 303 39.03 10.91 -14.81
N GLN A 304 38.63 12.17 -14.67
CA GLN A 304 37.21 12.52 -14.61
C GLN A 304 36.49 12.17 -15.91
N CYS A 305 37.10 12.50 -17.06
CA CYS A 305 36.45 12.19 -18.32
C CYS A 305 36.50 10.70 -18.64
N GLN A 306 37.54 9.99 -18.16
CA GLN A 306 37.58 8.55 -18.32
C GLN A 306 36.48 7.87 -17.52
N PHE A 307 36.18 8.40 -16.33
CA PHE A 307 35.04 7.90 -15.57
C PHE A 307 33.73 8.25 -16.26
N GLU A 308 33.60 9.48 -16.74
CA GLU A 308 32.34 9.97 -17.29
C GLU A 308 31.99 9.37 -18.63
N ASP A 309 33.00 8.95 -19.42
CA ASP A 309 32.73 8.37 -20.73
C ASP A 309 32.11 6.98 -20.64
N LEU A 310 32.18 6.36 -19.46
CA LEU A 310 31.63 5.03 -19.28
C LEU A 310 30.11 5.03 -19.22
N ASN A 311 29.48 6.20 -19.05
CA ASN A 311 28.03 6.29 -19.08
C ASN A 311 27.53 6.13 -20.51
N LYS A 312 26.57 5.24 -20.71
CA LYS A 312 25.96 5.02 -22.02
C LYS A 312 24.57 5.64 -22.03
N ARG A 313 24.24 6.34 -23.11
CA ARG A 313 22.96 7.03 -23.32
C ARG A 313 22.69 8.03 -22.19
N LYS A 314 23.55 9.06 -22.16
CA LYS A 314 23.46 10.12 -21.15
C LYS A 314 22.43 11.15 -21.59
N ASP A 315 21.15 10.76 -21.50
CA ASP A 315 20.04 11.66 -21.74
C ASP A 315 18.93 11.56 -20.70
N THR A 316 18.92 10.52 -19.87
CA THR A 316 17.94 10.37 -18.79
C THR A 316 18.53 10.69 -17.43
N LYS A 317 19.71 10.17 -17.12
CA LYS A 317 20.40 10.45 -15.88
C LYS A 317 21.66 11.26 -16.16
N GLU A 318 22.17 11.90 -15.10
CA GLU A 318 23.36 12.73 -15.21
C GLU A 318 24.36 12.31 -14.14
N ILE A 319 25.63 12.25 -14.51
CA ILE A 319 26.69 11.87 -13.59
C ILE A 319 27.32 13.14 -13.03
N TYR A 320 27.30 13.27 -11.71
CA TYR A 320 27.79 14.46 -11.03
C TYR A 320 29.18 14.17 -10.50
N THR A 321 30.16 14.92 -10.96
CA THR A 321 31.56 14.77 -10.55
C THR A 321 31.93 15.92 -9.64
N HIS A 322 32.35 15.60 -8.42
CA HIS A 322 32.81 16.60 -7.47
C HIS A 322 34.12 16.13 -6.86
N PHE A 323 34.90 17.09 -6.37
CA PHE A 323 36.18 16.82 -5.74
C PHE A 323 36.10 17.16 -4.27
N THR A 324 36.65 16.28 -3.43
CA THR A 324 36.45 16.38 -1.99
C THR A 324 37.16 17.60 -1.42
N CYS A 325 36.47 18.30 -0.54
CA CYS A 325 37.02 19.46 0.16
C CYS A 325 36.75 19.31 1.64
N SER A 326 37.63 19.87 2.47
CA SER A 326 37.61 19.68 3.91
C SER A 326 37.11 20.89 4.68
N THR A 327 37.75 22.05 4.48
CA THR A 327 37.45 23.23 5.30
C THR A 327 36.29 24.04 4.75
N ASP A 328 35.17 23.36 4.48
CA ASP A 328 33.95 23.97 3.96
C ASP A 328 32.83 22.94 4.10
N THR A 329 31.62 23.35 3.71
CA THR A 329 30.46 22.46 3.69
C THR A 329 29.90 22.29 2.30
N LYS A 330 30.69 22.59 1.26
CA LYS A 330 30.19 22.47 -0.11
C LYS A 330 30.08 21.01 -0.55
N ASN A 331 30.78 20.10 0.14
CA ASN A 331 30.67 18.68 -0.18
C ASN A 331 29.30 18.11 0.17
N VAL A 332 28.56 18.76 1.07
CA VAL A 332 27.17 18.39 1.29
C VAL A 332 26.25 19.21 0.37
N GLN A 333 26.66 20.43 0.01
CA GLN A 333 25.87 21.27 -0.87
C GLN A 333 25.77 20.70 -2.27
N PHE A 334 26.80 19.99 -2.74
CA PHE A 334 26.73 19.35 -4.05
C PHE A 334 25.68 18.26 -4.07
N VAL A 335 25.63 17.45 -3.02
CA VAL A 335 24.60 16.41 -2.91
C VAL A 335 23.22 17.05 -2.78
N PHE A 336 23.15 18.20 -2.09
CA PHE A 336 21.89 18.92 -1.98
C PHE A 336 21.40 19.41 -3.34
N ASP A 337 22.31 19.94 -4.16
CA ASP A 337 21.92 20.40 -5.49
C ASP A 337 21.49 19.26 -6.39
N ALA A 338 22.21 18.13 -6.35
CA ALA A 338 21.85 16.98 -7.16
C ALA A 338 20.50 16.40 -6.73
N VAL A 339 20.25 16.34 -5.42
CA VAL A 339 18.97 15.86 -4.92
C VAL A 339 17.84 16.82 -5.30
N THR A 340 18.13 18.13 -5.30
CA THR A 340 17.13 19.11 -5.72
C THR A 340 16.75 18.92 -7.19
N ASP A 341 17.73 18.64 -8.04
CA ASP A 341 17.43 18.38 -9.45
C ASP A 341 16.63 17.09 -9.64
N VAL A 342 16.96 16.05 -8.85
CA VAL A 342 16.20 14.79 -8.91
C VAL A 342 14.76 15.03 -8.46
N ILE A 343 14.58 15.84 -7.42
CA ILE A 343 13.24 16.15 -6.91
C ILE A 343 12.45 16.97 -7.93
N ILE A 344 13.13 17.88 -8.66
CA ILE A 344 12.46 18.66 -9.70
C ILE A 344 11.96 17.75 -10.81
N LYS A 345 12.81 16.80 -11.24
CA LYS A 345 12.39 15.86 -12.28
C LYS A 345 11.23 14.98 -11.81
N ASN A 346 11.26 14.55 -10.55
CA ASN A 346 10.16 13.75 -10.01
C ASN A 346 8.88 14.56 -9.91
N ASN A 347 8.99 15.86 -9.61
CA ASN A 347 7.82 16.72 -9.57
C ASN A 347 7.20 16.90 -10.95
N LEU A 348 8.05 17.07 -11.98
CA LEU A 348 7.51 17.09 -13.34
C LEU A 348 6.90 15.75 -13.73
N LYS A 349 7.44 14.65 -13.22
CA LYS A 349 6.81 13.35 -13.45
C LYS A 349 5.44 13.28 -12.79
N ASP A 350 5.31 13.84 -11.58
CA ASP A 350 4.02 13.82 -10.90
C ASP A 350 3.02 14.77 -11.53
N CYS A 351 3.49 15.85 -12.17
CA CYS A 351 2.60 16.77 -12.85
C CYS A 351 2.08 16.22 -14.17
N GLY A 352 2.62 15.10 -14.65
CA GLY A 352 2.25 14.57 -15.95
C GLY A 352 2.66 15.49 -17.08
N LEU A 353 3.81 16.12 -16.98
CA LEU A 353 4.24 17.12 -17.93
C LEU A 353 5.61 16.85 -18.54
N PHE A 354 6.48 16.12 -17.85
CA PHE A 354 7.77 15.73 -18.42
C PHE A 354 7.59 14.68 -19.51
N SER B 20 48.29 -34.77 -8.27
CA SER B 20 47.70 -36.08 -8.53
C SER B 20 46.34 -36.22 -7.86
N GLU B 21 46.20 -35.56 -6.70
CA GLU B 21 44.93 -35.61 -5.97
C GLU B 21 43.84 -34.85 -6.70
N LEU B 22 44.17 -33.71 -7.31
CA LEU B 22 43.18 -32.92 -8.02
C LEU B 22 42.68 -33.64 -9.27
N ASP B 23 43.58 -34.32 -9.98
CA ASP B 23 43.17 -35.07 -11.17
C ASP B 23 42.26 -36.22 -10.82
N GLN B 24 42.59 -36.95 -9.73
CA GLN B 24 41.73 -38.05 -9.29
C GLN B 24 40.38 -37.54 -8.81
N LEU B 25 40.37 -36.39 -8.13
CA LEU B 25 39.12 -35.78 -7.68
C LEU B 25 38.25 -35.37 -8.87
N ARG B 26 38.87 -34.77 -9.88
CA ARG B 26 38.13 -34.37 -11.08
C ARG B 26 37.59 -35.59 -11.82
N GLN B 27 38.39 -36.66 -11.90
CA GLN B 27 37.94 -37.88 -12.56
C GLN B 27 36.77 -38.52 -11.81
N GLU B 28 36.85 -38.54 -10.47
CA GLU B 28 35.76 -39.12 -9.68
C GLU B 28 34.49 -38.28 -9.79
N ALA B 29 34.62 -36.95 -9.77
CA ALA B 29 33.45 -36.10 -9.94
C ALA B 29 32.85 -36.25 -11.33
N GLU B 30 33.70 -36.36 -12.36
CA GLU B 30 33.20 -36.53 -13.72
C GLU B 30 32.48 -37.87 -13.89
N GLN B 31 33.03 -38.94 -13.32
CA GLN B 31 32.38 -40.24 -13.46
C GLN B 31 31.11 -40.31 -12.61
N LEU B 32 31.06 -39.62 -11.47
CA LEU B 32 29.83 -39.57 -10.69
C LEU B 32 28.74 -38.80 -11.44
N LYS B 33 29.11 -37.67 -12.07
CA LYS B 33 28.14 -36.92 -12.86
C LYS B 33 27.68 -37.71 -14.07
N ASN B 34 28.59 -38.46 -14.71
CA ASN B 34 28.22 -39.27 -15.86
C ASN B 34 27.30 -40.42 -15.46
N GLN B 35 27.55 -41.04 -14.31
CA GLN B 35 26.65 -42.07 -13.81
C GLN B 35 25.28 -41.50 -13.46
N ILE B 36 25.26 -40.28 -12.90
CA ILE B 36 23.99 -39.61 -12.61
C ILE B 36 23.21 -39.36 -13.89
N ARG B 37 23.90 -38.86 -14.92
CA ARG B 37 23.24 -38.59 -16.20
C ARG B 37 22.75 -39.87 -16.87
N ASP B 38 23.52 -40.95 -16.75
CA ASP B 38 23.10 -42.24 -17.31
C ASP B 38 21.89 -42.78 -16.58
N ALA B 39 21.81 -42.55 -15.26
CA ALA B 39 20.60 -42.91 -14.53
C ALA B 39 19.41 -42.04 -14.95
N ARG B 40 19.67 -40.76 -15.24
CA ARG B 40 18.61 -39.87 -15.71
C ARG B 40 18.05 -40.31 -17.05
N LYS B 41 18.94 -40.75 -17.97
CA LYS B 41 18.49 -41.09 -19.31
C LYS B 41 17.60 -42.33 -19.33
N ALA B 42 17.96 -43.34 -18.53
CA ALA B 42 17.14 -44.55 -18.47
C ALA B 42 15.86 -44.32 -17.67
N CYS B 43 15.83 -43.29 -16.83
CA CYS B 43 14.64 -43.00 -16.02
C CYS B 43 13.51 -42.43 -16.88
N ALA B 44 13.84 -41.72 -17.95
CA ALA B 44 12.85 -41.06 -18.79
C ALA B 44 12.55 -41.91 -20.00
N ASP B 45 11.28 -42.22 -20.20
CA ASP B 45 10.83 -42.94 -21.38
C ASP B 45 9.70 -42.22 -22.11
N ALA B 46 8.79 -41.59 -21.38
CA ALA B 46 7.72 -40.80 -21.97
C ALA B 46 7.53 -39.53 -21.16
N THR B 47 7.40 -38.41 -21.85
CA THR B 47 7.22 -37.12 -21.18
C THR B 47 5.79 -36.95 -20.69
N LEU B 48 5.59 -35.96 -19.82
CA LEU B 48 4.25 -35.66 -19.32
C LEU B 48 3.37 -35.11 -20.42
N SER B 49 3.97 -34.44 -21.42
CA SER B 49 3.19 -33.96 -22.56
C SER B 49 2.65 -35.10 -23.41
N GLN B 50 3.33 -36.25 -23.42
CA GLN B 50 2.85 -37.40 -24.15
C GLN B 50 1.73 -38.14 -23.43
N ILE B 51 1.55 -37.90 -22.14
CA ILE B 51 0.48 -38.53 -21.37
C ILE B 51 -0.75 -37.64 -21.28
N THR B 52 -0.55 -36.34 -21.07
CA THR B 52 -1.64 -35.38 -20.95
C THR B 52 -2.01 -34.74 -22.28
N ASN B 53 -1.71 -35.41 -23.39
CA ASN B 53 -2.15 -34.95 -24.70
C ASN B 53 -3.56 -35.38 -25.03
N ASN B 54 -4.21 -36.14 -24.14
CA ASN B 54 -5.55 -36.67 -24.37
C ASN B 54 -6.44 -36.44 -23.17
N ILE B 55 -6.33 -35.28 -22.53
CA ILE B 55 -7.22 -34.89 -21.46
C ILE B 55 -7.81 -33.53 -21.77
N ASP B 56 -8.83 -33.16 -21.03
CA ASP B 56 -9.57 -31.93 -21.30
C ASP B 56 -8.74 -30.71 -20.90
N PRO B 57 -8.50 -29.78 -21.81
CA PRO B 57 -7.75 -28.57 -21.42
C PRO B 57 -8.65 -27.59 -20.68
N VAL B 58 -8.07 -26.95 -19.67
CA VAL B 58 -8.76 -25.86 -18.99
C VAL B 58 -8.83 -24.67 -19.93
N GLY B 59 -10.04 -24.21 -20.23
CA GLY B 59 -10.22 -23.23 -21.29
C GLY B 59 -9.68 -21.86 -20.97
N ARG B 60 -10.35 -21.15 -20.07
CA ARG B 60 -9.97 -19.79 -19.72
C ARG B 60 -10.34 -19.55 -18.26
N ILE B 61 -9.41 -19.02 -17.48
CA ILE B 61 -9.71 -18.53 -16.14
C ILE B 61 -9.87 -17.02 -16.26
N GLN B 62 -11.01 -16.52 -15.81
CA GLN B 62 -11.29 -15.09 -15.79
C GLN B 62 -11.33 -14.66 -14.33
N MET B 63 -10.15 -14.41 -13.78
CA MET B 63 -10.05 -13.91 -12.42
C MET B 63 -10.50 -12.46 -12.37
N ARG B 64 -10.97 -12.05 -11.21
CA ARG B 64 -11.34 -10.67 -10.99
C ARG B 64 -10.83 -10.22 -9.64
N THR B 65 -10.42 -8.95 -9.58
CA THR B 65 -10.06 -8.33 -8.32
C THR B 65 -11.30 -8.13 -7.49
N ARG B 66 -11.43 -8.89 -6.42
CA ARG B 66 -12.53 -8.68 -5.50
C ARG B 66 -12.23 -7.57 -4.50
N ARG B 67 -11.06 -7.60 -3.88
CA ARG B 67 -10.68 -6.58 -2.91
C ARG B 67 -9.29 -6.04 -3.23
N THR B 68 -9.10 -4.77 -2.90
CA THR B 68 -7.83 -4.08 -3.11
C THR B 68 -7.42 -3.41 -1.80
N LEU B 69 -6.31 -3.84 -1.23
CA LEU B 69 -5.84 -3.33 0.04
C LEU B 69 -4.81 -2.24 -0.20
N ARG B 70 -5.10 -1.03 0.26
CA ARG B 70 -4.44 0.16 -0.25
C ARG B 70 -3.96 1.07 0.88
N GLY B 71 -3.55 2.28 0.49
CA GLY B 71 -3.29 3.37 1.42
C GLY B 71 -1.84 3.81 1.52
N HIS B 72 -0.97 3.32 0.64
CA HIS B 72 0.47 3.46 0.82
C HIS B 72 1.14 3.84 -0.49
N LEU B 73 2.43 4.12 -0.39
CA LEU B 73 3.25 4.45 -1.55
C LEU B 73 4.50 3.59 -1.69
N ALA B 74 4.98 2.97 -0.63
CA ALA B 74 6.17 2.13 -0.72
C ALA B 74 5.84 0.79 -1.37
N LYS B 75 6.82 0.24 -2.06
CA LYS B 75 6.62 -1.00 -2.80
C LYS B 75 6.45 -2.17 -1.84
N ILE B 76 5.61 -3.12 -2.24
CA ILE B 76 5.24 -4.25 -1.40
C ILE B 76 6.12 -5.43 -1.77
N TYR B 77 6.92 -5.88 -0.81
CA TYR B 77 7.72 -7.09 -0.95
C TYR B 77 6.86 -8.28 -0.56
N ALA B 78 7.47 -9.41 -0.21
CA ALA B 78 6.75 -10.67 -0.04
C ALA B 78 5.63 -10.57 0.98
N MET B 79 4.53 -11.25 0.69
CA MET B 79 3.39 -11.42 1.57
C MET B 79 3.29 -12.88 2.02
N HIS B 80 2.32 -13.14 2.89
CA HIS B 80 1.99 -14.50 3.30
C HIS B 80 0.56 -14.56 3.78
N TRP B 81 -0.04 -15.73 3.64
CA TRP B 81 -1.42 -15.98 4.05
C TRP B 81 -1.46 -16.62 5.42
N GLY B 82 -2.67 -16.70 5.97
CA GLY B 82 -2.92 -17.46 7.17
C GLY B 82 -3.48 -18.82 6.86
N THR B 83 -3.44 -19.71 7.85
CA THR B 83 -4.02 -21.03 7.67
C THR B 83 -5.53 -21.01 7.78
N ASP B 84 -6.11 -19.92 8.26
CA ASP B 84 -7.56 -19.75 8.28
C ASP B 84 -8.10 -19.18 6.98
N SER B 85 -7.23 -18.86 6.03
CA SER B 85 -7.54 -18.26 4.74
C SER B 85 -8.25 -16.92 4.89
N ARG B 86 -8.05 -16.25 6.02
CA ARG B 86 -8.74 -15.02 6.37
C ARG B 86 -7.77 -13.88 6.63
N LEU B 87 -6.76 -14.10 7.45
CA LEU B 87 -5.80 -13.07 7.79
C LEU B 87 -4.61 -13.14 6.85
N LEU B 88 -4.06 -11.98 6.53
CA LEU B 88 -2.98 -11.85 5.57
C LEU B 88 -1.90 -10.97 6.19
N VAL B 89 -0.64 -11.25 5.91
CA VAL B 89 0.46 -10.42 6.38
C VAL B 89 1.25 -9.94 5.18
N SER B 90 1.59 -8.65 5.19
CA SER B 90 2.35 -8.06 4.10
C SER B 90 3.44 -7.16 4.66
N ALA B 91 4.63 -7.27 4.06
CA ALA B 91 5.80 -6.49 4.43
C ALA B 91 6.08 -5.49 3.32
N SER B 92 6.35 -4.24 3.69
CA SER B 92 6.64 -3.24 2.68
C SER B 92 7.94 -2.52 3.00
N GLN B 93 8.42 -1.78 2.00
CA GLN B 93 9.69 -1.04 2.09
C GLN B 93 9.62 0.15 3.02
N ASP B 94 8.44 0.55 3.48
CA ASP B 94 8.30 1.63 4.46
C ASP B 94 8.44 1.14 5.90
N GLY B 95 9.00 -0.05 6.10
CA GLY B 95 9.15 -0.61 7.43
C GLY B 95 7.84 -0.93 8.11
N LYS B 96 6.87 -1.44 7.36
CA LYS B 96 5.56 -1.78 7.92
C LYS B 96 5.24 -3.23 7.62
N LEU B 97 4.81 -3.94 8.67
CA LEU B 97 4.18 -5.26 8.56
C LEU B 97 2.71 -5.06 8.89
N ILE B 98 1.85 -5.19 7.89
CA ILE B 98 0.42 -4.99 8.09
C ILE B 98 -0.27 -6.35 8.04
N ILE B 99 -1.08 -6.62 9.06
CA ILE B 99 -1.94 -7.79 9.11
C ILE B 99 -3.35 -7.33 8.79
N TRP B 100 -3.88 -7.84 7.67
CA TRP B 100 -5.16 -7.49 7.10
C TRP B 100 -6.18 -8.59 7.31
N ASP B 101 -7.44 -8.18 7.41
CA ASP B 101 -8.58 -9.09 7.33
C ASP B 101 -9.12 -8.99 5.90
N SER B 102 -8.96 -10.07 5.13
CA SER B 102 -9.26 -10.03 3.71
C SER B 102 -10.76 -9.98 3.42
N TYR B 103 -11.61 -10.40 4.36
CA TYR B 103 -13.04 -10.37 4.12
C TYR B 103 -13.58 -8.95 4.20
N THR B 104 -13.06 -8.16 5.13
CA THR B 104 -13.62 -6.84 5.42
C THR B 104 -12.68 -5.70 5.10
N THR B 105 -11.46 -6.00 4.61
CA THR B 105 -10.43 -5.06 4.14
C THR B 105 -9.84 -4.30 5.35
N ASN B 106 -10.28 -4.64 6.55
CA ASN B 106 -9.78 -4.00 7.75
C ASN B 106 -8.35 -4.42 8.03
N LYS B 107 -7.52 -3.45 8.42
CA LYS B 107 -6.19 -3.77 8.93
C LYS B 107 -6.29 -4.11 10.40
N VAL B 108 -5.99 -5.37 10.73
CA VAL B 108 -6.00 -5.81 12.12
C VAL B 108 -4.80 -5.21 12.85
N HIS B 109 -3.62 -5.28 12.26
CA HIS B 109 -2.41 -4.87 12.96
C HIS B 109 -1.49 -4.09 12.04
N ALA B 110 -0.77 -3.13 12.62
CA ALA B 110 0.33 -2.46 11.96
C ALA B 110 1.55 -2.57 12.86
N ILE B 111 2.64 -3.10 12.33
CA ILE B 111 3.84 -3.39 13.10
C ILE B 111 4.99 -2.60 12.48
N PRO B 112 5.58 -1.65 13.19
CA PRO B 112 6.78 -0.99 12.67
C PRO B 112 8.00 -1.89 12.79
N LEU B 113 8.88 -1.79 11.80
CA LEU B 113 10.09 -2.60 11.74
C LEU B 113 11.30 -1.73 12.02
N ARG B 114 12.30 -2.32 12.70
CA ARG B 114 13.54 -1.60 12.95
C ARG B 114 14.30 -1.33 11.65
N SER B 115 14.26 -2.27 10.73
CA SER B 115 14.88 -2.12 9.42
C SER B 115 13.81 -2.12 8.34
N SER B 116 13.84 -1.11 7.48
CA SER B 116 12.86 -1.01 6.40
C SER B 116 13.18 -1.92 5.22
N TRP B 117 14.37 -2.51 5.18
CA TRP B 117 14.79 -3.35 4.05
C TRP B 117 14.37 -4.80 4.27
N VAL B 118 13.08 -5.00 4.39
CA VAL B 118 12.52 -6.34 4.61
C VAL B 118 12.27 -7.00 3.26
N MET B 119 12.72 -8.25 3.13
CA MET B 119 12.55 -9.02 1.91
C MET B 119 11.61 -10.19 2.01
N THR B 120 11.22 -10.59 3.22
CA THR B 120 10.32 -11.72 3.37
C THR B 120 9.50 -11.58 4.65
N CYS B 121 8.39 -12.29 4.69
CA CYS B 121 7.54 -12.36 5.87
C CYS B 121 6.85 -13.71 5.91
N ALA B 122 6.46 -14.12 7.11
CA ALA B 122 5.77 -15.37 7.31
C ALA B 122 4.73 -15.21 8.40
N TYR B 123 3.73 -16.10 8.38
CA TYR B 123 2.67 -16.10 9.36
C TYR B 123 2.64 -17.50 9.96
N ALA B 124 2.62 -17.58 11.28
CA ALA B 124 2.69 -18.87 11.95
C ALA B 124 1.42 -19.68 11.67
N PRO B 125 1.53 -21.01 11.55
CA PRO B 125 0.33 -21.84 11.30
C PRO B 125 -0.69 -21.76 12.42
N SER B 126 -0.24 -21.60 13.67
CA SER B 126 -1.18 -21.39 14.77
C SER B 126 -1.85 -20.03 14.69
N GLY B 127 -1.14 -19.03 14.17
CA GLY B 127 -1.66 -17.69 14.08
C GLY B 127 -1.22 -16.75 15.18
N ASN B 128 -0.32 -17.18 16.06
CA ASN B 128 0.12 -16.34 17.16
C ASN B 128 1.36 -15.53 16.85
N TYR B 129 2.08 -15.84 15.77
CA TYR B 129 3.36 -15.21 15.52
C TYR B 129 3.46 -14.78 14.06
N VAL B 130 4.25 -13.74 13.83
CA VAL B 130 4.69 -13.38 12.48
C VAL B 130 6.20 -13.27 12.50
N ALA B 131 6.80 -13.37 11.33
CA ALA B 131 8.24 -13.27 11.19
C ALA B 131 8.56 -12.36 10.02
N CYS B 132 9.72 -11.72 10.08
CA CYS B 132 10.23 -10.99 8.93
C CYS B 132 11.75 -10.95 8.98
N GLY B 133 12.34 -10.45 7.91
CA GLY B 133 13.78 -10.34 7.82
C GLY B 133 14.17 -9.76 6.48
N GLY B 134 15.46 -9.50 6.33
CA GLY B 134 15.94 -8.90 5.11
C GLY B 134 17.42 -8.60 5.14
N LEU B 135 17.78 -7.36 4.77
CA LEU B 135 19.17 -6.95 4.68
C LEU B 135 19.84 -6.79 6.03
N ASP B 136 19.09 -6.89 7.13
CA ASP B 136 19.66 -6.80 8.47
C ASP B 136 20.22 -8.13 9.00
N ASN B 137 20.04 -9.22 8.26
CA ASN B 137 20.51 -10.57 8.59
C ASN B 137 19.88 -11.14 9.86
N ILE B 138 18.71 -10.64 10.26
CA ILE B 138 18.02 -11.08 11.46
C ILE B 138 16.63 -11.57 11.08
N CYS B 139 16.19 -12.68 11.68
CA CYS B 139 14.81 -13.12 11.57
C CYS B 139 14.09 -12.65 12.83
N SER B 140 13.19 -11.69 12.68
CA SER B 140 12.44 -11.15 13.80
C SER B 140 11.11 -11.85 13.95
N ILE B 141 10.86 -12.39 15.14
CA ILE B 141 9.63 -13.09 15.49
C ILE B 141 8.83 -12.19 16.41
N TYR B 142 7.59 -11.87 16.00
CA TYR B 142 6.66 -11.02 16.74
C TYR B 142 5.48 -11.84 17.24
N ASN B 143 5.12 -11.60 18.49
CA ASN B 143 3.96 -12.20 19.14
C ASN B 143 2.73 -11.35 18.88
N LEU B 144 1.63 -11.99 18.48
CA LEU B 144 0.40 -11.28 18.22
C LEU B 144 -0.59 -11.33 19.38
N LYS B 145 -0.49 -12.35 20.23
CA LYS B 145 -1.42 -12.56 21.33
C LYS B 145 -0.69 -12.24 22.63
N THR B 146 -0.81 -11.00 23.08
CA THR B 146 -0.20 -10.54 24.32
C THR B 146 -1.28 -9.99 25.24
N ARG B 147 -1.06 -10.16 26.55
CA ARG B 147 -1.96 -9.55 27.53
C ARG B 147 -1.82 -8.04 27.54
N GLU B 148 -0.64 -7.52 27.16
CA GLU B 148 -0.37 -6.09 27.09
C GLU B 148 -1.26 -5.38 26.07
N GLY B 149 -1.66 -6.07 24.99
CA GLY B 149 -2.56 -5.53 24.01
C GLY B 149 -1.90 -5.14 22.69
N ASN B 150 -0.57 -5.14 22.63
CA ASN B 150 0.13 -4.75 21.42
C ASN B 150 1.05 -5.87 20.98
N VAL B 151 1.57 -5.74 19.77
CA VAL B 151 2.48 -6.72 19.20
C VAL B 151 3.89 -6.41 19.68
N ARG B 152 4.55 -7.42 20.25
CA ARG B 152 5.88 -7.29 20.81
C ARG B 152 6.81 -8.29 20.13
N VAL B 153 8.08 -7.90 19.98
CA VAL B 153 9.07 -8.78 19.37
C VAL B 153 9.37 -9.93 20.32
N SER B 154 9.06 -11.15 19.90
CA SER B 154 9.41 -12.31 20.70
C SER B 154 10.89 -12.60 20.64
N ARG B 155 11.48 -12.56 19.44
CA ARG B 155 12.87 -12.96 19.30
C ARG B 155 13.51 -12.27 18.10
N GLU B 156 14.83 -12.15 18.15
CA GLU B 156 15.65 -11.68 17.04
C GLU B 156 16.70 -12.76 16.77
N LEU B 157 16.38 -13.68 15.86
CA LEU B 157 17.29 -14.76 15.51
C LEU B 157 18.44 -14.22 14.67
N ALA B 158 19.66 -14.33 15.21
CA ALA B 158 20.87 -13.83 14.57
C ALA B 158 21.84 -14.98 14.35
N GLY B 159 22.70 -14.83 13.35
CA GLY B 159 23.62 -15.90 13.01
C GLY B 159 23.90 -16.06 11.53
N HIS B 160 22.98 -15.65 10.67
CA HIS B 160 23.25 -15.64 9.25
C HIS B 160 24.25 -14.54 8.91
N THR B 161 25.15 -14.84 7.98
CA THR B 161 26.15 -13.89 7.53
C THR B 161 25.79 -13.23 6.21
N GLY B 162 24.53 -13.39 5.76
CA GLY B 162 24.04 -12.72 4.58
C GLY B 162 22.60 -12.31 4.78
N TYR B 163 22.05 -11.63 3.77
CA TYR B 163 20.68 -11.15 3.85
C TYR B 163 19.71 -12.32 3.87
N LEU B 164 18.67 -12.20 4.68
CA LEU B 164 17.69 -13.26 4.84
C LEU B 164 16.61 -13.10 3.78
N SER B 165 16.40 -14.16 2.99
CA SER B 165 15.58 -14.09 1.80
C SER B 165 14.24 -14.79 1.92
N CYS B 166 14.14 -15.82 2.75
CA CYS B 166 12.87 -16.52 2.95
C CYS B 166 12.86 -17.14 4.34
N CYS B 167 11.69 -17.16 4.94
CA CYS B 167 11.47 -17.78 6.24
C CYS B 167 10.11 -18.46 6.26
N ARG B 168 10.06 -19.65 6.83
CA ARG B 168 8.83 -20.42 6.90
C ARG B 168 8.75 -21.13 8.24
N PHE B 169 7.59 -21.03 8.89
CA PHE B 169 7.38 -21.67 10.18
C PHE B 169 7.07 -23.15 10.01
N LEU B 170 7.63 -23.97 10.89
CA LEU B 170 7.20 -25.36 11.00
C LEU B 170 6.17 -25.52 12.10
N ASP B 171 6.38 -24.85 13.23
CA ASP B 171 5.46 -24.78 14.35
C ASP B 171 5.79 -23.51 15.13
N ASP B 172 5.27 -23.41 16.35
CA ASP B 172 5.58 -22.29 17.22
C ASP B 172 6.87 -22.48 18.00
N ASN B 173 7.72 -23.37 17.55
CA ASN B 173 9.00 -23.69 18.17
C ASN B 173 10.15 -23.61 17.20
N GLN B 174 9.94 -23.95 15.93
CA GLN B 174 11.01 -24.01 14.94
C GLN B 174 10.65 -23.18 13.72
N ILE B 175 11.69 -22.65 13.09
CA ILE B 175 11.55 -21.92 11.83
C ILE B 175 12.70 -22.35 10.91
N VAL B 176 12.50 -22.17 9.60
CA VAL B 176 13.53 -22.48 8.61
C VAL B 176 13.77 -21.23 7.76
N THR B 177 15.03 -20.88 7.57
CA THR B 177 15.41 -19.65 6.90
C THR B 177 16.44 -19.93 5.82
N SER B 178 16.39 -19.14 4.76
CA SER B 178 17.39 -19.14 3.70
C SER B 178 18.04 -17.76 3.62
N SER B 179 19.31 -17.74 3.26
CA SER B 179 20.08 -16.50 3.29
C SER B 179 21.03 -16.41 2.11
N GLY B 180 21.62 -15.24 1.94
CA GLY B 180 22.57 -14.98 0.89
C GLY B 180 23.97 -15.47 1.15
N ASP B 181 24.18 -16.23 2.23
CA ASP B 181 25.47 -16.86 2.49
C ASP B 181 25.48 -18.32 2.07
N THR B 182 24.71 -18.66 1.02
CA THR B 182 24.63 -20.00 0.42
C THR B 182 24.21 -21.06 1.44
N THR B 183 23.38 -20.70 2.41
CA THR B 183 23.13 -21.55 3.56
C THR B 183 21.68 -21.44 4.01
N CYS B 184 21.08 -22.57 4.34
CA CYS B 184 19.79 -22.62 5.01
C CYS B 184 19.99 -23.02 6.47
N ALA B 185 19.01 -22.69 7.30
CA ALA B 185 19.12 -22.94 8.73
C ALA B 185 17.76 -23.30 9.31
N LEU B 186 17.79 -24.13 10.35
CA LEU B 186 16.60 -24.52 11.10
C LEU B 186 16.84 -24.14 12.55
N TRP B 187 16.03 -23.20 13.03
CA TRP B 187 16.18 -22.54 14.33
C TRP B 187 15.10 -22.97 15.30
N ASP B 188 15.48 -23.02 16.57
CA ASP B 188 14.57 -23.14 17.70
C ASP B 188 14.31 -21.73 18.21
N ILE B 189 13.03 -21.34 18.30
CA ILE B 189 12.69 -19.94 18.53
C ILE B 189 12.48 -19.65 20.01
N GLU B 190 12.89 -20.58 20.88
CA GLU B 190 12.96 -20.34 22.31
C GLU B 190 14.39 -20.22 22.80
N THR B 191 15.26 -21.14 22.39
CA THR B 191 16.67 -21.03 22.73
C THR B 191 17.34 -19.94 21.90
N GLY B 192 16.98 -19.85 20.62
CA GLY B 192 17.57 -18.87 19.74
C GLY B 192 18.78 -19.35 18.97
N GLN B 193 19.00 -20.66 18.89
CA GLN B 193 20.19 -21.22 18.26
C GLN B 193 19.81 -22.05 17.05
N GLN B 194 20.71 -22.11 16.09
CA GLN B 194 20.53 -22.91 14.89
C GLN B 194 20.60 -24.39 15.24
N THR B 195 19.45 -25.07 15.20
CA THR B 195 19.46 -26.51 15.43
C THR B 195 20.14 -27.24 14.28
N THR B 196 19.84 -26.87 13.04
CA THR B 196 20.44 -27.55 11.90
C THR B 196 20.92 -26.52 10.88
N THR B 197 22.05 -26.81 10.24
CA THR B 197 22.60 -25.95 9.20
C THR B 197 22.73 -26.74 7.91
N PHE B 198 22.09 -26.25 6.85
CA PHE B 198 22.03 -26.91 5.55
C PHE B 198 22.95 -26.19 4.59
N THR B 199 24.00 -26.89 4.14
CA THR B 199 25.01 -26.33 3.25
C THR B 199 25.15 -27.21 2.01
N GLY B 200 25.62 -26.61 0.93
CA GLY B 200 25.76 -27.31 -0.32
C GLY B 200 25.48 -26.46 -1.54
N HIS B 201 24.87 -25.31 -1.35
CA HIS B 201 24.67 -24.36 -2.44
C HIS B 201 25.95 -23.55 -2.65
N THR B 202 26.18 -23.16 -3.90
CA THR B 202 27.33 -22.33 -4.22
C THR B 202 26.96 -20.89 -4.53
N GLY B 203 25.68 -20.62 -4.81
CA GLY B 203 25.18 -19.28 -4.94
C GLY B 203 24.21 -18.92 -3.82
N ASP B 204 23.73 -17.69 -3.87
CA ASP B 204 22.84 -17.19 -2.83
C ASP B 204 21.47 -17.85 -2.97
N VAL B 205 21.05 -18.57 -1.94
CA VAL B 205 19.72 -19.16 -1.95
C VAL B 205 18.68 -18.10 -1.62
N MET B 206 17.62 -18.03 -2.43
CA MET B 206 16.66 -16.95 -2.28
C MET B 206 15.21 -17.43 -2.24
N SER B 207 14.97 -18.72 -2.12
CA SER B 207 13.61 -19.23 -2.06
C SER B 207 13.59 -20.53 -1.27
N LEU B 208 12.52 -20.70 -0.50
CA LEU B 208 12.24 -21.95 0.20
C LEU B 208 10.81 -22.36 -0.05
N SER B 209 10.57 -23.65 0.05
CA SER B 209 9.22 -24.19 0.10
C SER B 209 9.22 -25.37 1.05
N LEU B 210 8.36 -25.32 2.04
CA LEU B 210 8.20 -26.42 2.98
C LEU B 210 7.20 -27.43 2.43
N ALA B 211 7.46 -28.69 2.69
CA ALA B 211 6.54 -29.74 2.28
C ALA B 211 5.28 -29.68 3.14
N PRO B 212 4.16 -30.18 2.63
CA PRO B 212 2.93 -30.21 3.45
C PRO B 212 3.04 -31.04 4.72
N ASP B 213 3.87 -32.08 4.74
CA ASP B 213 4.10 -32.85 5.95
C ASP B 213 5.24 -32.30 6.80
N THR B 214 5.91 -31.24 6.33
CA THR B 214 6.98 -30.53 7.05
C THR B 214 8.13 -31.44 7.46
N ARG B 215 8.41 -32.47 6.66
CA ARG B 215 9.57 -33.33 6.87
C ARG B 215 10.69 -33.04 5.89
N LEU B 216 10.39 -32.43 4.76
CA LEU B 216 11.37 -32.08 3.75
C LEU B 216 11.16 -30.62 3.37
N PHE B 217 12.19 -30.00 2.80
CA PHE B 217 11.97 -28.72 2.15
C PHE B 217 12.87 -28.62 0.92
N VAL B 218 12.60 -27.64 0.09
CA VAL B 218 13.31 -27.46 -1.17
C VAL B 218 13.70 -26.00 -1.30
N SER B 219 14.88 -25.76 -1.87
CA SER B 219 15.46 -24.43 -1.94
C SER B 219 16.01 -24.18 -3.35
N GLY B 220 16.08 -22.91 -3.71
CA GLY B 220 16.60 -22.52 -5.01
C GLY B 220 17.60 -21.39 -4.92
N ALA B 221 18.72 -21.50 -5.61
CA ALA B 221 19.82 -20.56 -5.40
C ALA B 221 20.25 -19.90 -6.71
N CYS B 222 21.25 -19.02 -6.59
CA CYS B 222 21.87 -18.36 -7.73
C CYS B 222 22.69 -19.29 -8.59
N ASP B 223 22.96 -20.50 -8.13
CA ASP B 223 23.73 -21.48 -8.86
C ASP B 223 22.94 -22.24 -9.91
N ALA B 224 21.75 -21.72 -10.27
CA ALA B 224 20.82 -22.35 -11.20
C ALA B 224 20.46 -23.77 -10.75
N SER B 225 20.32 -23.94 -9.45
CA SER B 225 20.09 -25.26 -8.88
C SER B 225 19.06 -25.19 -7.76
N ALA B 226 18.30 -26.27 -7.65
CA ALA B 226 17.39 -26.49 -6.55
C ALA B 226 17.87 -27.69 -5.75
N LYS B 227 17.63 -27.66 -4.44
CA LYS B 227 18.08 -28.76 -3.60
C LYS B 227 16.96 -29.17 -2.66
N LEU B 228 16.75 -30.48 -2.57
CA LEU B 228 15.79 -31.08 -1.66
C LEU B 228 16.55 -31.56 -0.42
N TRP B 229 16.16 -30.99 0.72
CA TRP B 229 16.79 -31.20 2.02
C TRP B 229 15.86 -31.95 2.96
N ASP B 230 16.47 -32.82 3.77
CA ASP B 230 15.79 -33.50 4.86
C ASP B 230 15.97 -32.71 6.15
N VAL B 231 14.86 -32.46 6.84
CA VAL B 231 14.88 -31.55 7.99
C VAL B 231 15.46 -32.24 9.22
N ARG B 232 14.98 -33.43 9.55
CA ARG B 232 15.42 -34.08 10.77
C ARG B 232 16.69 -34.90 10.58
N GLU B 233 17.26 -34.93 9.38
CA GLU B 233 18.50 -35.64 9.13
C GLU B 233 19.67 -34.73 8.75
N GLY B 234 19.40 -33.50 8.35
CA GLY B 234 20.44 -32.52 8.08
C GLY B 234 21.37 -32.81 6.91
N MET B 235 20.82 -33.22 5.78
CA MET B 235 21.63 -33.51 4.61
C MET B 235 20.82 -33.28 3.34
N CYS B 236 21.54 -33.06 2.23
CA CYS B 236 20.92 -32.79 0.94
C CYS B 236 20.51 -34.10 0.31
N ARG B 237 19.20 -34.36 0.22
CA ARG B 237 18.73 -35.57 -0.43
C ARG B 237 18.92 -35.52 -1.93
N GLN B 238 18.54 -34.40 -2.56
CA GLN B 238 18.59 -34.38 -4.02
C GLN B 238 19.04 -33.01 -4.51
N THR B 239 19.65 -33.01 -5.69
CA THR B 239 20.06 -31.79 -6.37
C THR B 239 19.50 -31.79 -7.78
N PHE B 240 18.85 -30.69 -8.16
CA PHE B 240 18.15 -30.56 -9.43
C PHE B 240 18.79 -29.44 -10.23
N THR B 241 19.26 -29.79 -11.42
CA THR B 241 19.96 -28.87 -12.32
C THR B 241 19.10 -28.70 -13.56
N GLY B 242 18.35 -27.61 -13.58
CA GLY B 242 17.47 -27.27 -14.68
C GLY B 242 17.94 -26.03 -15.40
N HIS B 243 17.43 -24.89 -14.94
CA HIS B 243 17.54 -23.56 -15.53
C HIS B 243 18.95 -23.11 -15.86
N GLU B 244 19.05 -22.09 -16.69
CA GLU B 244 20.31 -21.48 -17.08
C GLU B 244 20.62 -20.21 -16.29
N SER B 245 19.73 -19.78 -15.40
CA SER B 245 19.89 -18.51 -14.72
C SER B 245 19.50 -18.69 -13.26
N ASP B 246 19.37 -17.57 -12.55
CA ASP B 246 19.10 -17.59 -11.12
C ASP B 246 17.67 -18.04 -10.85
N ILE B 247 17.50 -18.95 -9.90
CA ILE B 247 16.18 -19.42 -9.50
C ILE B 247 15.65 -18.49 -8.41
N ASN B 248 14.54 -17.81 -8.71
CA ASN B 248 13.99 -16.79 -7.81
C ASN B 248 12.85 -17.29 -6.94
N ALA B 249 12.07 -18.26 -7.40
CA ALA B 249 10.91 -18.74 -6.67
C ALA B 249 10.87 -20.26 -6.74
N ILE B 250 10.23 -20.85 -5.74
CA ILE B 250 10.07 -22.30 -5.68
C ILE B 250 8.82 -22.61 -4.86
N CYS B 251 8.14 -23.69 -5.22
CA CYS B 251 6.87 -24.04 -4.58
C CYS B 251 6.61 -25.52 -4.74
N PHE B 252 6.10 -26.14 -3.68
CA PHE B 252 5.74 -27.55 -3.70
C PHE B 252 4.40 -27.79 -4.38
N PHE B 253 4.29 -28.96 -5.01
CA PHE B 253 3.01 -29.48 -5.41
C PHE B 253 2.21 -29.85 -4.16
N PRO B 254 0.87 -29.82 -4.23
CA PRO B 254 0.07 -30.20 -3.06
C PRO B 254 0.32 -31.61 -2.54
N ASN B 255 0.71 -32.57 -3.38
CA ASN B 255 0.97 -33.90 -2.88
C ASN B 255 2.36 -34.07 -2.29
N GLY B 256 3.24 -33.08 -2.44
CA GLY B 256 4.57 -33.16 -1.87
C GLY B 256 5.55 -34.00 -2.63
N ASN B 257 5.21 -34.46 -3.84
CA ASN B 257 6.09 -35.30 -4.64
C ASN B 257 6.69 -34.57 -5.82
N ALA B 258 6.33 -33.30 -6.03
CA ALA B 258 6.87 -32.53 -7.14
C ALA B 258 7.03 -31.09 -6.68
N PHE B 259 7.80 -30.31 -7.44
CA PHE B 259 7.91 -28.90 -7.16
C PHE B 259 8.12 -28.13 -8.45
N ALA B 260 7.91 -26.82 -8.38
CA ALA B 260 8.04 -25.93 -9.52
C ALA B 260 8.99 -24.79 -9.18
N THR B 261 9.73 -24.33 -10.17
CA THR B 261 10.73 -23.30 -10.03
C THR B 261 10.53 -22.22 -11.08
N GLY B 262 10.70 -20.97 -10.66
CA GLY B 262 10.73 -19.86 -11.58
C GLY B 262 12.11 -19.22 -11.55
N SER B 263 12.54 -18.73 -12.72
CA SER B 263 13.91 -18.27 -12.86
C SER B 263 13.96 -16.97 -13.65
N ASP B 264 15.17 -16.44 -13.80
CA ASP B 264 15.43 -15.24 -14.59
C ASP B 264 15.53 -15.52 -16.08
N ASP B 265 15.49 -16.77 -16.51
CA ASP B 265 15.55 -17.10 -17.92
C ASP B 265 14.18 -17.10 -18.58
N ALA B 266 13.18 -16.49 -17.93
CA ALA B 266 11.78 -16.47 -18.36
C ALA B 266 11.24 -17.88 -18.59
N THR B 267 11.56 -18.79 -17.67
CA THR B 267 11.12 -20.17 -17.81
C THR B 267 10.77 -20.74 -16.44
N CYS B 268 9.57 -21.31 -16.33
CA CYS B 268 9.21 -22.13 -15.18
C CYS B 268 9.51 -23.59 -15.49
N ARG B 269 9.81 -24.35 -14.45
CA ARG B 269 10.17 -25.76 -14.63
C ARG B 269 9.57 -26.60 -13.51
N LEU B 270 8.95 -27.71 -13.86
CA LEU B 270 8.36 -28.62 -12.89
C LEU B 270 9.20 -29.89 -12.84
N PHE B 271 9.71 -30.19 -11.64
CA PHE B 271 10.54 -31.34 -11.32
C PHE B 271 9.78 -32.30 -10.42
N ASP B 272 10.17 -33.58 -10.49
CA ASP B 272 9.66 -34.61 -9.58
C ASP B 272 10.76 -35.08 -8.64
N LEU B 273 10.38 -35.29 -7.37
CA LEU B 273 11.33 -35.74 -6.37
C LEU B 273 11.73 -37.20 -6.57
N ARG B 274 10.74 -38.07 -6.83
CA ARG B 274 11.02 -39.49 -6.93
C ARG B 274 11.72 -39.84 -8.24
N ALA B 275 11.29 -39.23 -9.34
CA ALA B 275 11.95 -39.48 -10.62
C ALA B 275 13.28 -38.74 -10.74
N ASP B 276 13.51 -37.75 -9.87
CA ASP B 276 14.76 -36.97 -9.82
C ASP B 276 15.07 -36.28 -11.15
N GLN B 277 14.03 -35.83 -11.86
CA GLN B 277 14.21 -35.30 -13.20
C GLN B 277 13.22 -34.17 -13.44
N GLU B 278 13.53 -33.34 -14.42
CA GLU B 278 12.63 -32.28 -14.86
C GLU B 278 11.56 -32.85 -15.78
N LEU B 279 10.30 -32.49 -15.52
CA LEU B 279 9.19 -32.92 -16.35
C LEU B 279 8.66 -31.84 -17.27
N MET B 280 8.31 -30.67 -16.74
CA MET B 280 7.68 -29.65 -17.56
C MET B 280 8.53 -28.40 -17.67
N THR B 281 8.42 -27.75 -18.82
CA THR B 281 9.07 -26.48 -19.12
C THR B 281 8.00 -25.51 -19.58
N TYR B 282 7.66 -24.55 -18.73
CA TYR B 282 6.64 -23.54 -19.03
C TYR B 282 7.38 -22.32 -19.56
N SER B 283 7.36 -22.15 -20.88
CA SER B 283 8.07 -21.11 -21.57
C SER B 283 7.14 -20.40 -22.54
N HIS B 284 7.58 -19.23 -23.01
CA HIS B 284 6.81 -18.42 -23.92
C HIS B 284 7.78 -17.61 -24.78
N ASP B 285 7.29 -17.16 -25.93
CA ASP B 285 8.13 -16.44 -26.87
C ASP B 285 7.72 -14.98 -27.02
N ASN B 286 7.06 -14.40 -26.02
CA ASN B 286 6.64 -13.01 -26.09
C ASN B 286 7.41 -12.07 -25.15
N ILE B 287 7.76 -12.51 -23.94
CA ILE B 287 8.57 -11.69 -23.03
C ILE B 287 9.72 -12.52 -22.50
N ILE B 288 10.81 -11.84 -22.15
CA ILE B 288 12.00 -12.47 -21.62
C ILE B 288 12.11 -12.03 -20.15
N CYS B 289 10.96 -11.77 -19.54
CA CYS B 289 10.93 -11.28 -18.17
C CYS B 289 11.03 -12.44 -17.18
N GLY B 290 11.81 -12.24 -16.11
CA GLY B 290 12.01 -13.27 -15.13
C GLY B 290 10.80 -13.50 -14.26
N ILE B 291 10.78 -14.66 -13.61
CA ILE B 291 9.70 -15.04 -12.71
C ILE B 291 10.09 -14.66 -11.28
N THR B 292 9.20 -13.94 -10.61
CA THR B 292 9.44 -13.48 -9.25
C THR B 292 8.74 -14.36 -8.20
N SER B 293 7.65 -15.02 -8.57
CA SER B 293 6.86 -15.79 -7.63
C SER B 293 6.07 -16.87 -8.35
N VAL B 294 5.96 -18.04 -7.72
CA VAL B 294 5.12 -19.13 -8.20
C VAL B 294 4.30 -19.67 -7.05
N SER B 295 3.07 -20.12 -7.36
CA SER B 295 2.29 -20.89 -6.41
C SER B 295 1.33 -21.78 -7.17
N PHE B 296 1.00 -22.91 -6.59
CA PHE B 296 0.03 -23.83 -7.15
C PHE B 296 -1.36 -23.55 -6.57
N SER B 297 -2.36 -24.16 -7.18
CA SER B 297 -3.71 -24.14 -6.62
C SER B 297 -3.88 -25.33 -5.68
N LYS B 298 -5.13 -25.58 -5.27
CA LYS B 298 -5.37 -26.63 -4.28
C LYS B 298 -5.19 -28.00 -4.87
N SER B 299 -5.33 -28.15 -6.18
CA SER B 299 -5.26 -29.45 -6.85
C SER B 299 -4.18 -29.48 -7.92
N GLY B 300 -3.23 -28.55 -7.88
CA GLY B 300 -2.40 -28.38 -9.06
C GLY B 300 -3.21 -27.70 -10.14
N ARG B 301 -2.85 -28.01 -11.39
CA ARG B 301 -3.53 -27.59 -12.63
C ARG B 301 -3.45 -26.09 -12.89
N LEU B 302 -2.94 -25.33 -11.94
CA LEU B 302 -2.78 -23.88 -12.13
C LEU B 302 -1.48 -23.48 -11.46
N LEU B 303 -0.46 -23.25 -12.26
CA LEU B 303 0.80 -22.68 -11.82
C LEU B 303 0.72 -21.18 -12.08
N LEU B 304 0.64 -20.40 -11.02
CA LEU B 304 0.48 -18.95 -11.11
C LEU B 304 1.85 -18.32 -10.97
N ALA B 305 2.33 -17.66 -12.02
CA ALA B 305 3.66 -17.10 -12.04
C ALA B 305 3.58 -15.60 -12.25
N GLY B 306 4.20 -14.85 -11.35
CA GLY B 306 4.34 -13.41 -11.53
C GLY B 306 5.65 -13.09 -12.21
N TYR B 307 5.62 -12.08 -13.07
CA TYR B 307 6.74 -11.75 -13.94
C TYR B 307 7.17 -10.31 -13.70
N ASP B 308 8.11 -9.85 -14.51
CA ASP B 308 8.54 -8.47 -14.49
C ASP B 308 7.71 -7.57 -15.40
N ASP B 309 6.82 -8.15 -16.21
CA ASP B 309 6.05 -7.41 -17.20
C ASP B 309 4.72 -6.90 -16.63
N PHE B 310 4.65 -6.74 -15.31
CA PHE B 310 3.51 -6.23 -14.54
C PHE B 310 2.34 -7.20 -14.52
N ASN B 311 2.54 -8.45 -14.95
CA ASN B 311 1.46 -9.39 -15.17
C ASN B 311 1.73 -10.71 -14.48
N CYS B 312 0.65 -11.42 -14.18
CA CYS B 312 0.69 -12.80 -13.71
C CYS B 312 0.08 -13.71 -14.77
N ASN B 313 0.82 -14.75 -15.13
CA ASN B 313 0.32 -15.76 -16.05
C ASN B 313 -0.11 -17.01 -15.29
N VAL B 314 -1.24 -17.55 -15.70
CA VAL B 314 -1.79 -18.77 -15.14
C VAL B 314 -1.51 -19.88 -16.14
N TRP B 315 -0.65 -20.82 -15.76
CA TRP B 315 -0.30 -21.95 -16.60
C TRP B 315 -1.10 -23.16 -16.19
N ASP B 316 -1.50 -23.95 -17.18
CA ASP B 316 -1.95 -25.31 -16.89
C ASP B 316 -0.72 -26.12 -16.52
N ALA B 317 -0.75 -26.73 -15.33
CA ALA B 317 0.43 -27.43 -14.83
C ALA B 317 0.73 -28.69 -15.62
N LEU B 318 -0.23 -29.20 -16.38
CA LEU B 318 -0.06 -30.40 -17.19
C LEU B 318 -0.02 -30.10 -18.67
N LYS B 319 -0.11 -28.84 -19.08
CA LYS B 319 -0.22 -28.41 -20.47
C LYS B 319 0.46 -27.06 -20.63
N ALA B 320 0.08 -26.34 -21.69
CA ALA B 320 0.55 -24.99 -21.98
C ALA B 320 -0.36 -23.94 -21.34
N ASP B 321 -0.19 -22.68 -21.75
CA ASP B 321 -0.81 -21.54 -21.09
C ASP B 321 -2.32 -21.57 -21.18
N ARG B 322 -2.98 -21.11 -20.11
CA ARG B 322 -4.43 -21.16 -20.00
C ARG B 322 -5.07 -19.78 -19.93
N ALA B 323 -4.70 -18.97 -18.93
CA ALA B 323 -5.39 -17.70 -18.74
C ALA B 323 -4.48 -16.48 -18.93
N GLY B 324 -3.43 -16.34 -18.12
CA GLY B 324 -2.65 -15.11 -18.12
C GLY B 324 -3.47 -13.87 -17.83
N VAL B 325 -4.48 -14.01 -16.98
CA VAL B 325 -5.56 -13.03 -16.93
C VAL B 325 -5.33 -11.96 -15.87
N LEU B 326 -4.43 -12.19 -14.91
CA LEU B 326 -4.25 -11.26 -13.80
C LEU B 326 -3.48 -10.05 -14.32
N ALA B 327 -4.22 -9.15 -14.97
CA ALA B 327 -3.64 -8.06 -15.72
C ALA B 327 -3.65 -6.74 -14.98
N GLY B 328 -4.41 -6.61 -13.90
CA GLY B 328 -4.47 -5.35 -13.21
C GLY B 328 -3.39 -5.20 -12.14
N HIS B 329 -2.29 -4.57 -12.50
CA HIS B 329 -1.20 -4.24 -11.60
C HIS B 329 -0.33 -3.21 -12.29
N ASP B 330 -0.10 -2.07 -11.63
CA ASP B 330 0.62 -0.97 -12.28
C ASP B 330 2.11 -1.29 -12.43
N ASN B 331 2.68 -2.01 -11.47
CA ASN B 331 4.08 -2.38 -11.51
C ASN B 331 4.19 -3.90 -11.42
N ARG B 332 5.42 -4.43 -11.34
CA ARG B 332 5.62 -5.87 -11.37
C ARG B 332 5.05 -6.54 -10.12
N VAL B 333 4.47 -7.72 -10.32
CA VAL B 333 3.93 -8.50 -9.20
C VAL B 333 5.10 -9.06 -8.42
N SER B 334 5.38 -8.46 -7.25
CA SER B 334 6.51 -8.91 -6.44
C SER B 334 6.21 -10.21 -5.72
N CYS B 335 4.95 -10.47 -5.39
CA CYS B 335 4.63 -11.65 -4.60
C CYS B 335 3.22 -12.11 -4.91
N LEU B 336 2.97 -13.39 -4.68
CA LEU B 336 1.64 -13.95 -4.85
C LEU B 336 1.50 -15.20 -3.99
N GLY B 337 0.30 -15.39 -3.48
CA GLY B 337 0.02 -16.53 -2.61
C GLY B 337 -1.39 -17.02 -2.77
N VAL B 338 -1.61 -18.29 -2.45
CA VAL B 338 -2.89 -18.95 -2.57
C VAL B 338 -3.31 -19.45 -1.20
N THR B 339 -4.57 -19.22 -0.85
CA THR B 339 -5.09 -19.65 0.44
C THR B 339 -5.16 -21.17 0.52
N ASP B 340 -5.27 -21.67 1.75
CA ASP B 340 -5.32 -23.11 1.96
C ASP B 340 -6.62 -23.72 1.49
N ASP B 341 -7.72 -22.96 1.52
CA ASP B 341 -8.98 -23.47 0.98
C ASP B 341 -9.11 -23.24 -0.51
N GLY B 342 -8.18 -22.51 -1.12
CA GLY B 342 -8.15 -22.34 -2.55
C GLY B 342 -9.12 -21.32 -3.12
N MET B 343 -9.78 -20.53 -2.27
CA MET B 343 -10.76 -19.59 -2.77
C MET B 343 -10.10 -18.40 -3.45
N ALA B 344 -9.03 -17.86 -2.86
CA ALA B 344 -8.49 -16.57 -3.26
C ALA B 344 -7.01 -16.66 -3.61
N VAL B 345 -6.58 -15.74 -4.45
CA VAL B 345 -5.17 -15.55 -4.78
C VAL B 345 -4.83 -14.10 -4.50
N ALA B 346 -3.85 -13.87 -3.64
CA ALA B 346 -3.47 -12.50 -3.31
C ALA B 346 -2.14 -12.17 -3.95
N THR B 347 -2.11 -11.08 -4.71
CA THR B 347 -0.92 -10.61 -5.38
C THR B 347 -0.53 -9.24 -4.83
N GLY B 348 0.73 -9.08 -4.49
CA GLY B 348 1.29 -7.80 -4.13
C GLY B 348 2.32 -7.35 -5.14
N SER B 349 2.21 -6.11 -5.57
CA SER B 349 3.07 -5.56 -6.61
C SER B 349 3.82 -4.36 -6.06
N TRP B 350 4.59 -3.70 -6.92
CA TRP B 350 5.36 -2.56 -6.44
C TRP B 350 4.57 -1.26 -6.51
N ASP B 351 3.29 -1.30 -6.88
CA ASP B 351 2.44 -0.12 -6.85
C ASP B 351 1.76 0.09 -5.49
N SER B 352 2.36 -0.47 -4.42
CA SER B 352 1.87 -0.35 -3.05
C SER B 352 0.46 -0.92 -2.87
N PHE B 353 0.10 -1.93 -3.65
CA PHE B 353 -1.27 -2.42 -3.66
C PHE B 353 -1.28 -3.93 -3.50
N LEU B 354 -2.12 -4.42 -2.61
CA LEU B 354 -2.46 -5.83 -2.52
C LEU B 354 -3.81 -6.03 -3.19
N LYS B 355 -3.93 -7.06 -4.01
CA LYS B 355 -5.19 -7.38 -4.64
C LYS B 355 -5.52 -8.84 -4.41
N ILE B 356 -6.75 -9.10 -3.96
CA ILE B 356 -7.28 -10.45 -3.82
C ILE B 356 -8.10 -10.75 -5.06
N TRP B 357 -7.84 -11.89 -5.69
CA TRP B 357 -8.42 -12.27 -6.97
C TRP B 357 -9.16 -13.58 -6.79
N ASN B 358 -10.32 -13.66 -7.43
CA ASN B 358 -11.13 -14.88 -7.37
C ASN B 358 -11.89 -15.07 -8.67
N SER C 8 43.27 -25.29 -0.28
CA SER C 8 43.88 -25.72 0.98
C SER C 8 43.90 -27.24 1.10
N ILE C 9 44.31 -27.73 2.26
CA ILE C 9 44.38 -29.17 2.49
C ILE C 9 43.09 -29.71 3.10
N ALA C 10 42.46 -28.94 3.99
CA ALA C 10 41.20 -29.38 4.59
C ALA C 10 40.07 -29.37 3.57
N GLN C 11 40.05 -28.37 2.68
CA GLN C 11 39.06 -28.33 1.61
C GLN C 11 39.24 -29.49 0.65
N ALA C 12 40.51 -29.83 0.33
CA ALA C 12 40.77 -30.97 -0.52
C ALA C 12 40.36 -32.29 0.14
N ARG C 13 40.60 -32.40 1.46
CA ARG C 13 40.18 -33.60 2.19
C ARG C 13 38.66 -33.73 2.22
N LYS C 14 37.94 -32.62 2.43
CA LYS C 14 36.48 -32.68 2.43
C LYS C 14 35.94 -32.93 1.02
N LEU C 15 36.65 -32.49 -0.02
CA LEU C 15 36.24 -32.80 -1.38
C LEU C 15 36.47 -34.27 -1.71
N VAL C 16 37.54 -34.86 -1.18
CA VAL C 16 37.75 -36.30 -1.30
C VAL C 16 36.66 -37.06 -0.57
N GLU C 17 36.28 -36.58 0.62
CA GLU C 17 35.21 -37.23 1.39
C GLU C 17 33.88 -37.19 0.65
N GLN C 18 33.46 -36.00 0.21
CA GLN C 18 32.27 -35.74 -0.61
C GLN C 18 31.03 -36.28 0.12
N LEU C 19 30.04 -36.74 -0.62
CA LEU C 19 28.82 -37.31 -0.05
C LEU C 19 28.54 -38.72 -0.54
N LYS C 20 28.69 -38.98 -1.84
CA LYS C 20 28.59 -40.32 -2.45
C LYS C 20 27.27 -41.02 -2.14
N MET C 21 26.19 -40.25 -2.02
CA MET C 21 24.90 -40.80 -1.62
C MET C 21 23.73 -40.39 -2.50
N GLU C 22 23.88 -39.37 -3.35
CA GLU C 22 22.82 -39.03 -4.28
C GLU C 22 22.80 -39.96 -5.49
N ALA C 23 23.88 -40.69 -5.72
CA ALA C 23 23.92 -41.63 -6.83
C ALA C 23 23.09 -42.89 -6.56
N ASN C 24 23.18 -43.43 -5.35
CA ASN C 24 22.56 -44.71 -5.03
C ASN C 24 21.19 -44.52 -4.38
N ILE C 25 20.29 -43.90 -5.15
CA ILE C 25 18.92 -43.69 -4.72
C ILE C 25 17.99 -44.46 -5.65
N ASP C 26 16.76 -44.68 -5.16
CA ASP C 26 15.75 -45.41 -5.91
C ASP C 26 14.93 -44.43 -6.74
N ARG C 27 15.01 -44.56 -8.06
CA ARG C 27 14.28 -43.69 -8.98
C ARG C 27 13.15 -44.47 -9.61
N ILE C 28 11.97 -43.88 -9.66
CA ILE C 28 10.85 -44.46 -10.36
C ILE C 28 10.81 -43.87 -11.76
N LYS C 29 10.06 -44.52 -12.63
CA LYS C 29 9.92 -44.09 -14.02
C LYS C 29 9.19 -42.76 -14.09
N VAL C 30 9.56 -41.94 -15.08
CA VAL C 30 8.92 -40.66 -15.29
C VAL C 30 7.47 -40.84 -15.72
N SER C 31 7.18 -41.94 -16.42
CA SER C 31 5.83 -42.16 -16.94
C SER C 31 4.81 -42.34 -15.82
N LYS C 32 5.09 -43.22 -14.86
CA LYS C 32 4.10 -43.42 -13.82
C LYS C 32 4.15 -42.35 -12.75
N ALA C 33 5.27 -41.61 -12.64
CA ALA C 33 5.27 -40.40 -11.81
C ALA C 33 4.35 -39.34 -12.39
N ALA C 34 4.41 -39.14 -13.71
CA ALA C 34 3.49 -38.21 -14.38
C ALA C 34 2.05 -38.70 -14.28
N ALA C 35 1.85 -40.01 -14.38
CA ALA C 35 0.51 -40.58 -14.22
C ALA C 35 -0.02 -40.34 -12.81
N ASP C 36 0.82 -40.49 -11.80
CA ASP C 36 0.41 -40.21 -10.43
C ASP C 36 0.10 -38.72 -10.25
N LEU C 37 0.87 -37.86 -10.90
CA LEU C 37 0.67 -36.42 -10.77
C LEU C 37 -0.66 -36.00 -11.40
N MET C 38 -0.96 -36.52 -12.59
CA MET C 38 -2.24 -36.19 -13.22
C MET C 38 -3.41 -36.89 -12.52
N ALA C 39 -3.15 -38.03 -11.87
CA ALA C 39 -4.19 -38.67 -11.06
C ALA C 39 -4.52 -37.83 -9.84
N TYR C 40 -3.50 -37.21 -9.22
CA TYR C 40 -3.76 -36.28 -8.14
C TYR C 40 -4.52 -35.06 -8.62
N CYS C 41 -4.18 -34.56 -9.81
CA CYS C 41 -4.90 -33.41 -10.36
C CYS C 41 -6.36 -33.75 -10.64
N GLU C 42 -6.63 -34.96 -11.14
CA GLU C 42 -8.00 -35.38 -11.45
C GLU C 42 -8.79 -35.72 -10.19
N ALA C 43 -8.13 -36.23 -9.16
CA ALA C 43 -8.83 -36.62 -7.95
C ALA C 43 -9.35 -35.41 -7.17
N HIS C 44 -8.57 -34.34 -7.07
CA HIS C 44 -8.91 -33.19 -6.26
C HIS C 44 -9.47 -32.03 -7.08
N ALA C 45 -9.84 -32.27 -8.34
CA ALA C 45 -10.30 -31.19 -9.20
C ALA C 45 -11.65 -30.64 -8.79
N LYS C 46 -12.47 -31.44 -8.10
CA LYS C 46 -13.79 -30.97 -7.69
C LYS C 46 -13.70 -29.91 -6.59
N GLU C 47 -12.71 -30.02 -5.72
CA GLU C 47 -12.53 -29.09 -4.61
C GLU C 47 -11.48 -28.03 -4.90
N ASP C 48 -11.37 -27.59 -6.15
CA ASP C 48 -10.51 -26.48 -6.52
C ASP C 48 -11.38 -25.29 -6.91
N PRO C 49 -11.52 -24.29 -6.04
CA PRO C 49 -12.37 -23.14 -6.38
C PRO C 49 -11.84 -22.28 -7.52
N LEU C 50 -10.55 -22.34 -7.82
CA LEU C 50 -10.02 -21.56 -8.94
C LEU C 50 -10.21 -22.23 -10.28
N LEU C 51 -10.64 -23.49 -10.30
CA LEU C 51 -11.02 -24.17 -11.54
C LEU C 51 -12.50 -23.98 -11.82
N THR C 52 -13.35 -24.44 -10.90
CA THR C 52 -14.79 -24.29 -11.04
C THR C 52 -15.22 -22.96 -10.42
N PRO C 53 -15.80 -22.04 -11.18
CA PRO C 53 -16.19 -20.75 -10.62
C PRO C 53 -17.36 -20.87 -9.65
N VAL C 54 -17.44 -19.91 -8.75
CA VAL C 54 -18.47 -19.88 -7.70
C VAL C 54 -19.25 -18.57 -7.81
N PRO C 55 -20.54 -18.54 -7.44
CA PRO C 55 -21.30 -17.28 -7.50
C PRO C 55 -20.79 -16.23 -6.53
N ALA C 56 -20.77 -16.57 -5.24
CA ALA C 56 -20.22 -15.69 -4.20
C ALA C 56 -19.83 -16.58 -3.03
N SER C 57 -18.53 -16.85 -2.91
CA SER C 57 -18.07 -17.82 -1.90
C SER C 57 -17.69 -17.13 -0.60
N GLU C 58 -16.70 -16.25 -0.64
CA GLU C 58 -16.31 -15.53 0.57
C GLU C 58 -15.95 -14.07 0.34
N ASN C 59 -15.67 -13.66 -0.90
CA ASN C 59 -15.23 -12.30 -1.22
C ASN C 59 -16.21 -11.73 -2.24
N PRO C 60 -17.41 -11.33 -1.82
CA PRO C 60 -18.40 -10.84 -2.78
C PRO C 60 -18.27 -9.35 -3.06
N PHE C 61 -19.19 -8.80 -3.84
CA PHE C 61 -19.21 -7.39 -4.17
C PHE C 61 -20.64 -6.86 -4.01
N ARG C 62 -20.79 -5.55 -4.12
CA ARG C 62 -22.10 -4.92 -3.99
C ARG C 62 -22.96 -5.17 -5.23
N VAL D 2 -2.98 -4.89 33.02
CA VAL D 2 -3.12 -5.98 33.96
C VAL D 2 -3.66 -5.48 35.29
N GLN D 3 -3.91 -4.18 35.38
CA GLN D 3 -4.46 -3.58 36.59
C GLN D 3 -5.41 -2.45 36.24
N LEU D 4 -6.60 -2.48 36.84
CA LEU D 4 -7.58 -1.40 36.76
C LEU D 4 -8.01 -1.10 38.19
N VAL D 5 -7.56 0.02 38.74
CA VAL D 5 -7.83 0.38 40.12
C VAL D 5 -8.84 1.53 40.13
N GLU D 6 -9.94 1.34 40.83
CA GLU D 6 -11.04 2.29 40.87
C GLU D 6 -10.84 3.26 42.03
N SER D 7 -11.50 4.42 41.93
CA SER D 7 -11.41 5.44 42.95
C SER D 7 -12.63 6.34 42.84
N GLY D 8 -12.97 6.97 43.96
CA GLY D 8 -14.20 7.74 44.06
C GLY D 8 -15.04 7.18 45.18
N GLY D 9 -16.31 6.91 44.88
CA GLY D 9 -17.13 6.17 45.81
C GLY D 9 -17.53 6.97 47.04
N GLY D 10 -17.96 6.26 48.06
CA GLY D 10 -18.34 6.87 49.31
C GLY D 10 -19.82 7.16 49.41
N LEU D 11 -20.16 7.94 50.43
CA LEU D 11 -21.53 8.33 50.70
C LEU D 11 -21.80 9.69 50.08
N VAL D 12 -22.89 9.79 49.33
CA VAL D 12 -23.24 11.02 48.62
C VAL D 12 -24.72 11.28 48.81
N GLN D 13 -25.07 12.54 49.01
CA GLN D 13 -26.46 12.92 49.20
C GLN D 13 -27.22 12.85 47.88
N PRO D 14 -28.53 12.60 47.92
CA PRO D 14 -29.31 12.61 46.68
C PRO D 14 -29.36 13.99 46.03
N GLY D 15 -29.35 13.99 44.71
CA GLY D 15 -29.25 15.22 43.96
C GLY D 15 -27.84 15.76 43.80
N GLY D 16 -26.84 15.08 44.36
CA GLY D 16 -25.47 15.50 44.26
C GLY D 16 -24.76 14.92 43.06
N SER D 17 -23.45 15.14 43.02
CA SER D 17 -22.60 14.71 41.93
C SER D 17 -21.32 14.10 42.48
N ARG D 18 -20.72 13.22 41.69
CA ARG D 18 -19.44 12.63 42.05
C ARG D 18 -18.66 12.32 40.78
N LYS D 19 -17.40 11.94 40.97
CA LYS D 19 -16.44 11.80 39.87
C LYS D 19 -15.67 10.49 40.11
N LEU D 20 -16.18 9.41 39.53
CA LEU D 20 -15.47 8.15 39.60
C LEU D 20 -14.29 8.18 38.64
N SER D 21 -13.16 7.63 39.09
CA SER D 21 -11.95 7.57 38.29
C SER D 21 -11.43 6.15 38.30
N CYS D 22 -10.71 5.79 37.24
CA CYS D 22 -10.06 4.48 37.19
C CYS D 22 -8.70 4.61 36.54
N SER D 23 -7.69 4.12 37.24
CA SER D 23 -6.31 4.13 36.78
C SER D 23 -5.98 2.79 36.17
N ALA D 24 -5.46 2.81 34.95
CA ALA D 24 -5.12 1.62 34.20
C ALA D 24 -3.62 1.49 34.10
N SER D 25 -3.11 0.29 34.32
CA SER D 25 -1.69 0.04 34.24
C SER D 25 -1.45 -1.38 33.75
N GLY D 26 -0.28 -1.59 33.15
CA GLY D 26 0.12 -2.90 32.72
C GLY D 26 -0.34 -3.31 31.35
N PHE D 27 -0.95 -2.41 30.59
CA PHE D 27 -1.40 -2.73 29.24
C PHE D 27 -1.50 -1.45 28.44
N ALA D 28 -1.54 -1.60 27.11
CA ALA D 28 -1.61 -0.47 26.21
C ALA D 28 -2.99 0.16 26.25
N PHE D 29 -3.18 1.13 27.15
CA PHE D 29 -4.51 1.63 27.50
C PHE D 29 -5.20 2.32 26.32
N SER D 30 -4.44 3.01 25.46
CA SER D 30 -5.03 3.80 24.40
C SER D 30 -5.63 2.94 23.29
N SER D 31 -5.26 1.67 23.22
CA SER D 31 -5.79 0.79 22.18
C SER D 31 -7.10 0.13 22.58
N PHE D 32 -7.57 0.32 23.81
CA PHE D 32 -8.72 -0.37 24.33
C PHE D 32 -9.92 0.54 24.43
N GLY D 33 -11.09 0.03 24.03
CA GLY D 33 -12.34 0.61 24.46
C GLY D 33 -12.63 0.26 25.89
N MET D 34 -13.40 1.11 26.56
CA MET D 34 -13.57 0.97 28.00
C MET D 34 -15.05 1.06 28.35
N HIS D 35 -15.44 0.30 29.36
CA HIS D 35 -16.84 0.17 29.78
C HIS D 35 -16.96 0.43 31.27
N TRP D 36 -18.08 1.01 31.66
CA TRP D 36 -18.51 1.13 33.04
C TRP D 36 -19.76 0.29 33.23
N VAL D 37 -19.73 -0.59 34.24
CA VAL D 37 -20.80 -1.55 34.53
C VAL D 37 -21.11 -1.50 36.03
N ARG D 38 -22.38 -1.36 36.38
CA ARG D 38 -22.79 -1.38 37.79
C ARG D 38 -23.12 -2.77 38.30
N GLN D 39 -23.19 -2.87 39.62
CA GLN D 39 -23.83 -3.99 40.30
C GLN D 39 -24.51 -3.43 41.54
N ALA D 40 -25.81 -3.68 41.65
CA ALA D 40 -26.58 -3.26 42.81
C ALA D 40 -26.16 -4.08 44.03
N PRO D 41 -26.45 -3.58 45.25
CA PRO D 41 -25.95 -4.27 46.45
C PRO D 41 -26.38 -5.72 46.62
N GLU D 42 -27.48 -6.15 45.99
CA GLU D 42 -27.84 -7.56 46.04
C GLU D 42 -28.31 -8.09 44.69
N LYS D 43 -28.00 -7.41 43.60
CA LYS D 43 -28.54 -7.78 42.30
C LYS D 43 -27.45 -8.03 41.27
N GLY D 44 -27.82 -8.15 40.00
CA GLY D 44 -26.91 -8.51 38.95
C GLY D 44 -26.16 -7.33 38.37
N LEU D 45 -25.47 -7.59 37.28
CA LEU D 45 -24.66 -6.58 36.60
C LEU D 45 -25.47 -5.86 35.55
N GLU D 46 -25.22 -4.56 35.40
CA GLU D 46 -25.88 -3.74 34.39
C GLU D 46 -24.92 -2.77 33.78
N TRP D 47 -24.95 -2.67 32.45
CA TRP D 47 -24.05 -1.84 31.69
C TRP D 47 -24.47 -0.38 31.79
N VAL D 48 -23.49 0.50 31.91
CA VAL D 48 -23.72 1.94 32.08
C VAL D 48 -23.19 2.74 30.91
N ALA D 49 -21.90 2.60 30.61
CA ALA D 49 -21.33 3.48 29.60
C ALA D 49 -20.19 2.82 28.86
N TYR D 50 -19.93 3.30 27.65
CA TYR D 50 -18.85 2.83 26.81
C TYR D 50 -18.19 4.01 26.11
N ILE D 51 -16.86 3.99 26.08
CA ILE D 51 -16.10 4.92 25.27
C ILE D 51 -15.13 4.12 24.40
N SER D 52 -15.03 4.49 23.13
CA SER D 52 -14.21 3.74 22.20
C SER D 52 -12.74 4.12 22.32
N SER D 53 -11.91 3.39 21.61
CA SER D 53 -10.50 3.75 21.49
C SER D 53 -10.38 5.00 20.62
N GLY D 54 -9.67 6.01 21.12
CA GLY D 54 -9.62 7.28 20.44
C GLY D 54 -10.81 8.19 20.68
N SER D 55 -11.76 7.78 21.55
CA SER D 55 -12.91 8.57 21.97
C SER D 55 -13.84 8.94 20.81
N GLY D 56 -13.81 8.14 19.75
CA GLY D 56 -14.70 8.40 18.62
C GLY D 56 -16.16 8.14 18.93
N THR D 57 -16.45 7.06 19.64
CA THR D 57 -17.81 6.63 19.90
C THR D 57 -18.04 6.51 21.40
N ILE D 58 -19.07 7.20 21.90
CA ILE D 58 -19.43 7.19 23.31
C ILE D 58 -20.90 6.85 23.42
N TYR D 59 -21.20 5.74 24.09
CA TYR D 59 -22.55 5.22 24.20
C TYR D 59 -22.96 5.09 25.65
N TYR D 60 -24.26 5.29 25.93
CA TYR D 60 -24.77 5.32 27.28
C TYR D 60 -25.97 4.39 27.42
N ALA D 61 -26.30 4.07 28.67
CA ALA D 61 -27.54 3.42 28.99
C ALA D 61 -28.66 4.46 29.13
N ASP D 62 -29.89 4.01 28.89
CA ASP D 62 -31.03 4.92 28.94
C ASP D 62 -31.36 5.37 30.36
N THR D 63 -30.94 4.61 31.36
CA THR D 63 -31.18 5.00 32.75
C THR D 63 -30.34 6.21 33.12
N VAL D 64 -29.09 6.27 32.65
CA VAL D 64 -28.13 7.26 33.08
C VAL D 64 -27.86 8.30 31.99
N LYS D 65 -28.62 8.26 30.90
CA LYS D 65 -28.41 9.20 29.81
C LYS D 65 -28.80 10.61 30.22
N GLY D 66 -27.95 11.58 29.91
CA GLY D 66 -28.17 12.96 30.26
C GLY D 66 -27.64 13.35 31.61
N ARG D 67 -27.31 12.39 32.47
CA ARG D 67 -26.75 12.66 33.78
C ARG D 67 -25.32 12.19 33.95
N PHE D 68 -24.87 11.22 33.16
CA PHE D 68 -23.53 10.66 33.27
C PHE D 68 -22.69 11.12 32.09
N THR D 69 -21.39 11.28 32.33
CA THR D 69 -20.45 11.65 31.28
C THR D 69 -19.19 10.82 31.44
N ILE D 70 -18.89 9.99 30.44
CA ILE D 70 -17.71 9.13 30.48
C ILE D 70 -16.64 9.74 29.58
N SER D 71 -15.43 9.83 30.09
CA SER D 71 -14.32 10.42 29.36
C SER D 71 -13.06 9.63 29.66
N ARG D 72 -11.98 9.96 28.95
CA ARG D 72 -10.70 9.30 29.21
C ARG D 72 -9.57 10.29 28.96
N ASP D 73 -8.52 10.13 29.75
CA ASP D 73 -7.26 10.85 29.57
C ASP D 73 -6.22 9.79 29.22
N ASP D 74 -5.95 9.64 27.92
CA ASP D 74 -5.02 8.62 27.45
C ASP D 74 -3.57 8.83 27.92
N PRO D 75 -2.96 10.03 27.81
CA PRO D 75 -1.56 10.15 28.23
C PRO D 75 -1.33 9.92 29.72
N LYS D 76 -2.34 10.06 30.57
CA LYS D 76 -2.19 9.71 31.97
C LYS D 76 -2.99 8.46 32.35
N ASN D 77 -3.51 7.75 31.35
CA ASN D 77 -4.04 6.38 31.49
C ASN D 77 -5.19 6.30 32.49
N THR D 78 -6.23 7.10 32.24
CA THR D 78 -7.29 7.22 33.21
C THR D 78 -8.65 7.24 32.51
N LEU D 79 -9.63 6.58 33.13
CA LEU D 79 -11.02 6.66 32.71
C LEU D 79 -11.84 7.41 33.76
N PHE D 80 -12.83 8.16 33.31
CA PHE D 80 -13.62 9.03 34.18
C PHE D 80 -15.09 8.82 33.95
N LEU D 81 -15.86 8.85 35.04
CA LEU D 81 -17.32 8.88 34.97
C LEU D 81 -17.81 10.00 35.90
N GLN D 82 -18.30 11.07 35.30
CA GLN D 82 -18.87 12.19 36.05
C GLN D 82 -20.37 11.97 36.17
N MET D 83 -20.85 11.81 37.39
CA MET D 83 -22.24 11.50 37.67
C MET D 83 -22.90 12.68 38.36
N THR D 84 -23.79 13.35 37.64
CA THR D 84 -24.56 14.46 38.18
C THR D 84 -26.02 14.04 38.36
N SER D 85 -26.69 14.72 39.30
CA SER D 85 -28.09 14.48 39.64
C SER D 85 -28.32 13.02 40.07
N LEU D 86 -27.65 12.64 41.14
CA LEU D 86 -27.66 11.26 41.59
C LEU D 86 -29.00 10.90 42.20
N ARG D 87 -29.29 9.60 42.18
CA ARG D 87 -30.58 9.06 42.58
C ARG D 87 -30.36 7.87 43.50
N SER D 88 -31.42 7.52 44.24
CA SER D 88 -31.33 6.38 45.16
C SER D 88 -31.25 5.05 44.43
N GLU D 89 -31.58 5.02 43.14
CA GLU D 89 -31.39 3.83 42.32
C GLU D 89 -29.93 3.61 41.95
N ASP D 90 -29.09 4.63 42.09
CA ASP D 90 -27.71 4.59 41.66
C ASP D 90 -26.74 4.10 42.74
N THR D 91 -27.23 3.70 43.91
CA THR D 91 -26.35 3.12 44.92
C THR D 91 -25.86 1.76 44.46
N ALA D 92 -24.54 1.65 44.22
CA ALA D 92 -24.04 0.48 43.51
C ALA D 92 -22.52 0.42 43.64
N MET D 93 -21.98 -0.69 43.15
CA MET D 93 -20.54 -0.89 43.01
C MET D 93 -20.21 -0.91 41.52
N TYR D 94 -19.29 -0.05 41.12
CA TYR D 94 -18.99 0.23 39.73
C TYR D 94 -17.71 -0.48 39.31
N TYR D 95 -17.74 -1.06 38.13
CA TYR D 95 -16.63 -1.81 37.57
C TYR D 95 -16.20 -1.15 36.27
N CYS D 96 -14.89 -1.07 36.07
CA CYS D 96 -14.30 -0.59 34.84
C CYS D 96 -13.72 -1.76 34.08
N VAL D 97 -14.12 -1.92 32.82
CA VAL D 97 -13.81 -3.09 32.01
C VAL D 97 -13.10 -2.65 30.75
N ARG D 98 -11.97 -3.29 30.44
CA ARG D 98 -11.31 -3.07 29.16
C ARG D 98 -11.90 -4.00 28.11
N SER D 99 -11.85 -3.56 26.85
CA SER D 99 -12.52 -4.27 25.77
C SER D 99 -11.82 -3.94 24.46
N ILE D 100 -11.30 -4.96 23.80
CA ILE D 100 -10.54 -4.82 22.57
C ILE D 100 -11.39 -5.37 21.42
N TYR D 101 -11.23 -4.78 20.24
CA TYR D 101 -12.11 -5.08 19.11
C TYR D 101 -11.30 -5.19 17.82
N TYR D 102 -11.10 -6.42 17.36
CA TYR D 102 -10.66 -6.73 16.00
C TYR D 102 -11.09 -8.15 15.70
N TYR D 103 -10.64 -8.70 14.57
CA TYR D 103 -11.00 -10.06 14.22
C TYR D 103 -10.29 -11.04 15.14
N GLY D 104 -11.06 -11.82 15.88
CA GLY D 104 -10.50 -12.77 16.83
C GLY D 104 -10.12 -12.21 18.17
N SER D 105 -10.57 -11.00 18.52
CA SER D 105 -10.22 -10.41 19.80
C SER D 105 -11.01 -11.06 20.93
N SER D 106 -10.66 -10.68 22.16
CA SER D 106 -11.31 -11.20 23.37
C SER D 106 -11.77 -10.03 24.21
N PRO D 107 -12.91 -9.42 23.86
CA PRO D 107 -13.40 -8.27 24.62
C PRO D 107 -13.96 -8.66 25.97
N PHE D 108 -14.06 -7.66 26.85
CA PHE D 108 -14.49 -7.79 28.25
C PHE D 108 -13.61 -8.79 29.01
N ASP D 109 -12.32 -8.77 28.74
CA ASP D 109 -11.44 -9.82 29.26
C ASP D 109 -10.98 -9.52 30.69
N PHE D 110 -10.67 -8.26 31.00
CA PHE D 110 -10.21 -7.91 32.33
C PHE D 110 -11.19 -6.92 32.97
N TRP D 111 -11.45 -7.16 34.26
CA TRP D 111 -12.35 -6.33 35.05
C TRP D 111 -11.58 -5.73 36.21
N GLY D 112 -11.98 -4.52 36.60
CA GLY D 112 -11.39 -3.87 37.75
C GLY D 112 -11.95 -4.38 39.06
N GLN D 113 -11.43 -3.84 40.16
CA GLN D 113 -11.85 -4.29 41.48
C GLN D 113 -13.26 -3.82 41.82
N GLY D 114 -13.59 -2.59 41.47
CA GLY D 114 -14.90 -2.00 41.74
C GLY D 114 -14.82 -0.95 42.84
N THR D 115 -15.65 0.09 42.73
CA THR D 115 -15.77 1.10 43.76
C THR D 115 -17.23 1.31 44.13
N THR D 116 -17.51 1.45 45.41
CA THR D 116 -18.89 1.48 45.91
C THR D 116 -19.27 2.90 46.28
N LEU D 117 -20.45 3.34 45.80
CA LEU D 117 -21.06 4.54 46.36
C LEU D 117 -22.48 4.25 46.81
N THR D 118 -22.89 5.00 47.81
CA THR D 118 -24.21 4.93 48.40
C THR D 118 -24.86 6.29 48.34
N VAL D 119 -26.03 6.36 47.69
CA VAL D 119 -26.87 7.54 47.68
C VAL D 119 -27.92 7.37 48.76
N SER D 120 -27.90 8.24 49.77
CA SER D 120 -28.78 8.11 50.91
C SER D 120 -30.23 8.44 50.53
N SER D 121 -31.15 7.91 51.32
CA SER D 121 -32.57 8.13 51.08
C SER D 121 -32.98 9.53 51.54
N SER D 136 -36.99 -3.16 21.20
CA SER D 136 -36.06 -2.28 21.91
C SER D 136 -34.86 -3.07 22.46
N ASP D 137 -34.73 -3.09 23.78
CA ASP D 137 -33.62 -3.78 24.41
C ASP D 137 -33.83 -5.28 24.39
N ILE D 138 -32.73 -6.01 24.31
CA ILE D 138 -32.77 -7.47 24.30
C ILE D 138 -32.81 -7.98 25.73
N VAL D 139 -33.79 -8.81 26.04
CA VAL D 139 -33.98 -9.34 27.38
C VAL D 139 -33.26 -10.68 27.49
N MET D 140 -32.35 -10.78 28.44
CA MET D 140 -31.52 -11.97 28.62
C MET D 140 -32.01 -12.68 29.87
N THR D 141 -32.51 -13.90 29.70
CA THR D 141 -33.23 -14.59 30.76
C THR D 141 -32.46 -15.82 31.21
N GLN D 142 -32.23 -15.92 32.52
CA GLN D 142 -31.68 -17.11 33.16
C GLN D 142 -32.74 -17.64 34.11
N ALA D 143 -33.54 -18.60 33.64
CA ALA D 143 -34.67 -19.09 34.41
C ALA D 143 -34.26 -19.93 35.61
N THR D 144 -33.00 -20.34 35.70
CA THR D 144 -32.51 -21.16 36.81
C THR D 144 -31.59 -20.34 37.70
N SER D 145 -31.73 -20.52 39.00
CA SER D 145 -30.86 -19.89 39.98
C SER D 145 -30.80 -20.77 41.22
N SER D 146 -29.72 -20.61 41.98
CA SER D 146 -29.46 -21.34 43.22
C SER D 146 -29.47 -22.85 43.00
N VAL D 147 -28.51 -23.32 42.22
CA VAL D 147 -28.39 -24.73 41.87
C VAL D 147 -27.39 -25.37 42.84
N PRO D 148 -27.84 -26.27 43.72
CA PRO D 148 -26.87 -26.97 44.58
C PRO D 148 -26.12 -28.02 43.80
N VAL D 149 -24.86 -28.25 44.19
CA VAL D 149 -23.96 -29.10 43.41
C VAL D 149 -22.84 -29.58 44.31
N THR D 150 -22.30 -30.76 44.01
CA THR D 150 -21.15 -31.41 44.61
C THR D 150 -20.00 -31.44 43.61
N PRO D 151 -18.75 -31.41 44.09
CA PRO D 151 -17.61 -31.48 43.16
C PRO D 151 -17.53 -32.80 42.43
N GLY D 152 -17.00 -32.74 41.20
CA GLY D 152 -16.88 -33.90 40.36
C GLY D 152 -18.09 -34.21 39.49
N GLU D 153 -19.01 -33.27 39.34
CA GLU D 153 -20.22 -33.48 38.57
C GLU D 153 -20.34 -32.43 37.48
N SER D 154 -20.82 -32.85 36.31
CA SER D 154 -21.02 -31.93 35.19
C SER D 154 -22.22 -31.04 35.47
N VAL D 155 -22.06 -29.74 35.23
CA VAL D 155 -23.09 -28.74 35.49
C VAL D 155 -23.41 -28.03 34.18
N SER D 156 -24.70 -27.80 33.92
CA SER D 156 -25.14 -27.06 32.76
C SER D 156 -25.94 -25.85 33.20
N ILE D 157 -25.55 -24.67 32.70
CA ILE D 157 -26.22 -23.41 32.99
C ILE D 157 -26.83 -22.89 31.69
N SER D 158 -28.11 -22.59 31.72
CA SER D 158 -28.84 -22.20 30.53
C SER D 158 -29.07 -20.70 30.49
N CYS D 159 -29.22 -20.17 29.28
CA CYS D 159 -29.49 -18.75 29.05
C CYS D 159 -30.34 -18.61 27.80
N ARG D 160 -31.31 -17.69 27.85
CA ARG D 160 -32.21 -17.44 26.73
C ARG D 160 -32.14 -15.98 26.33
N SER D 161 -32.44 -15.70 25.06
CA SER D 161 -32.40 -14.35 24.52
C SER D 161 -33.72 -14.02 23.84
N SER D 162 -34.07 -12.73 23.84
CA SER D 162 -35.32 -12.31 23.23
C SER D 162 -35.27 -12.40 21.72
N LYS D 163 -34.13 -12.03 21.12
CA LYS D 163 -33.94 -12.14 19.69
C LYS D 163 -32.66 -12.94 19.43
N SER D 164 -32.49 -13.37 18.19
CA SER D 164 -31.37 -14.23 17.82
C SER D 164 -30.06 -13.47 17.90
N LEU D 165 -29.06 -14.06 18.55
CA LEU D 165 -27.75 -13.45 18.70
C LEU D 165 -26.79 -13.85 17.59
N LEU D 166 -27.26 -14.60 16.59
CA LEU D 166 -26.45 -14.93 15.43
C LEU D 166 -26.52 -13.81 14.40
N HIS D 167 -25.38 -13.19 14.12
CA HIS D 167 -25.29 -12.20 13.07
C HIS D 167 -25.10 -12.88 11.71
N SER D 168 -25.12 -12.07 10.65
CA SER D 168 -24.84 -12.58 9.32
C SER D 168 -23.37 -12.87 9.09
N ASN D 169 -22.50 -12.46 10.01
CA ASN D 169 -21.08 -12.77 9.95
C ASN D 169 -20.77 -14.19 10.38
N GLY D 170 -21.75 -14.93 10.88
CA GLY D 170 -21.51 -16.23 11.47
C GLY D 170 -21.08 -16.20 12.91
N ASN D 171 -21.09 -15.03 13.54
CA ASN D 171 -20.71 -14.87 14.94
C ASN D 171 -21.96 -14.81 15.80
N THR D 172 -21.90 -15.46 16.96
CA THR D 172 -22.96 -15.39 17.94
C THR D 172 -22.41 -14.71 19.18
N TYR D 173 -22.86 -13.48 19.42
CA TYR D 173 -22.26 -12.63 20.45
C TYR D 173 -22.95 -12.89 21.78
N LEU D 174 -22.51 -13.96 22.46
CA LEU D 174 -22.90 -14.17 23.85
C LEU D 174 -21.68 -14.54 24.67
N TYR D 175 -21.63 -13.97 25.88
CA TYR D 175 -20.47 -13.94 26.73
C TYR D 175 -20.84 -14.52 28.08
N TRP D 176 -19.98 -15.40 28.60
CA TRP D 176 -20.17 -16.07 29.88
C TRP D 176 -19.11 -15.57 30.84
N PHE D 177 -19.57 -14.98 31.96
CA PHE D 177 -18.74 -14.47 33.04
C PHE D 177 -19.04 -15.23 34.31
N LEU D 178 -18.04 -15.29 35.19
CA LEU D 178 -18.18 -15.89 36.52
C LEU D 178 -17.75 -14.88 37.57
N GLN D 179 -18.55 -14.72 38.61
CA GLN D 179 -18.24 -13.86 39.74
C GLN D 179 -18.18 -14.72 40.98
N ARG D 180 -16.96 -14.92 41.49
CA ARG D 180 -16.72 -15.62 42.74
C ARG D 180 -17.11 -14.74 43.91
N PRO D 181 -17.33 -15.32 45.09
CA PRO D 181 -17.64 -14.50 46.27
C PRO D 181 -16.53 -13.53 46.61
N GLY D 182 -16.90 -12.26 46.74
CA GLY D 182 -15.95 -11.20 47.02
C GLY D 182 -14.93 -10.95 45.93
N GLN D 183 -15.35 -11.09 44.66
CA GLN D 183 -14.42 -10.98 43.54
C GLN D 183 -15.11 -10.32 42.36
N SER D 184 -14.29 -9.79 41.47
CA SER D 184 -14.79 -9.19 40.24
C SER D 184 -15.21 -10.28 39.25
N PRO D 185 -16.10 -9.96 38.32
CA PRO D 185 -16.44 -10.92 37.26
C PRO D 185 -15.24 -11.27 36.41
N GLN D 186 -15.16 -12.53 35.99
CA GLN D 186 -14.08 -13.04 35.18
C GLN D 186 -14.65 -13.64 33.91
N LEU D 187 -14.11 -13.24 32.77
CA LEU D 187 -14.58 -13.73 31.48
C LEU D 187 -14.19 -15.20 31.31
N LEU D 188 -15.20 -16.03 31.03
CA LEU D 188 -14.97 -17.43 30.68
C LEU D 188 -15.09 -17.67 29.19
N ILE D 189 -16.20 -17.26 28.59
CA ILE D 189 -16.47 -17.53 27.18
C ILE D 189 -16.82 -16.21 26.51
N TYR D 190 -16.20 -15.92 25.36
CA TYR D 190 -16.52 -14.66 24.69
C TYR D 190 -17.40 -14.86 23.46
N ARG D 191 -17.01 -15.76 22.58
CA ARG D 191 -17.94 -16.35 21.61
C ARG D 191 -17.94 -17.84 21.91
N MET D 192 -19.04 -18.51 21.59
CA MET D 192 -19.24 -19.87 22.06
C MET D 192 -18.19 -20.81 21.49
N SER D 193 -17.68 -21.69 22.35
CA SER D 193 -16.55 -22.58 22.09
C SER D 193 -15.29 -21.78 21.74
N ASN D 194 -15.18 -20.56 22.27
CA ASN D 194 -13.91 -19.84 22.34
C ASN D 194 -13.65 -19.56 23.81
N LEU D 195 -12.79 -20.38 24.40
CA LEU D 195 -12.44 -20.26 25.80
C LEU D 195 -11.42 -19.15 25.97
N ALA D 196 -11.61 -18.33 27.00
CA ALA D 196 -10.72 -17.21 27.24
C ALA D 196 -9.37 -17.69 27.76
N SER D 197 -8.40 -16.79 27.72
CA SER D 197 -7.05 -17.12 28.17
C SER D 197 -7.02 -17.31 29.67
N GLY D 198 -6.30 -18.34 30.11
CA GLY D 198 -6.18 -18.65 31.52
C GLY D 198 -7.32 -19.46 32.11
N VAL D 199 -8.30 -19.83 31.31
CA VAL D 199 -9.45 -20.59 31.77
C VAL D 199 -9.20 -22.07 31.49
N PRO D 200 -9.41 -22.94 32.47
CA PRO D 200 -9.16 -24.38 32.24
C PRO D 200 -10.14 -24.97 31.25
N ASP D 201 -9.69 -26.05 30.61
CA ASP D 201 -10.43 -26.67 29.51
C ASP D 201 -11.48 -27.66 29.99
N ARG D 202 -12.28 -27.25 30.98
CA ARG D 202 -13.47 -27.97 31.36
C ARG D 202 -14.74 -27.17 31.16
N PHE D 203 -14.63 -25.86 30.96
CA PHE D 203 -15.76 -25.03 30.58
C PHE D 203 -15.95 -25.11 29.07
N SER D 204 -17.18 -25.34 28.64
CA SER D 204 -17.52 -25.36 27.23
C SER D 204 -18.82 -24.62 27.01
N GLY D 205 -18.95 -23.98 25.85
CA GLY D 205 -20.13 -23.20 25.51
C GLY D 205 -20.77 -23.73 24.23
N SER D 206 -22.09 -23.77 24.22
CA SER D 206 -22.83 -24.24 23.06
C SER D 206 -24.18 -23.54 23.01
N GLY D 207 -24.90 -23.77 21.92
CA GLY D 207 -26.21 -23.20 21.73
C GLY D 207 -26.34 -22.56 20.37
N SER D 208 -27.55 -22.06 20.11
CA SER D 208 -27.83 -21.38 18.85
C SER D 208 -29.06 -20.51 19.05
N GLY D 209 -29.06 -19.37 18.35
CA GLY D 209 -30.21 -18.49 18.33
C GLY D 209 -30.63 -17.94 19.67
N THR D 210 -31.70 -18.51 20.21
CA THR D 210 -32.23 -18.17 21.53
C THR D 210 -31.54 -18.96 22.65
N ALA D 211 -31.25 -20.25 22.41
CA ALA D 211 -30.81 -21.13 23.49
C ALA D 211 -29.30 -21.12 23.63
N PHE D 212 -28.84 -21.11 24.89
CA PHE D 212 -27.41 -21.06 25.16
C PHE D 212 -27.12 -21.88 26.42
N THR D 213 -25.96 -22.55 26.43
CA THR D 213 -25.62 -23.48 27.50
C THR D 213 -24.13 -23.42 27.77
N LEU D 214 -23.78 -23.32 29.06
CA LEU D 214 -22.41 -23.43 29.52
C LEU D 214 -22.29 -24.69 30.37
N THR D 215 -21.36 -25.57 30.01
CA THR D 215 -21.18 -26.83 30.72
C THR D 215 -19.80 -26.91 31.34
N ILE D 216 -19.75 -27.44 32.56
CA ILE D 216 -18.52 -27.69 33.31
C ILE D 216 -18.44 -29.19 33.55
N SER D 217 -17.33 -29.79 33.12
CA SER D 217 -17.24 -31.25 33.09
C SER D 217 -16.89 -31.82 34.45
N ARG D 218 -15.72 -31.46 34.97
CA ARG D 218 -15.24 -31.95 36.27
C ARG D 218 -15.20 -30.75 37.20
N LEU D 219 -16.28 -30.53 37.93
CA LEU D 219 -16.42 -29.35 38.75
C LEU D 219 -15.46 -29.40 39.93
N GLU D 220 -14.82 -28.28 40.21
CA GLU D 220 -13.94 -28.10 41.36
C GLU D 220 -14.55 -27.09 42.31
N ALA D 221 -13.90 -26.93 43.47
CA ALA D 221 -14.41 -26.06 44.51
C ALA D 221 -14.22 -24.58 44.22
N GLU D 222 -13.37 -24.24 43.25
CA GLU D 222 -13.13 -22.85 42.87
C GLU D 222 -14.13 -22.34 41.85
N ASP D 223 -15.06 -23.18 41.40
CA ASP D 223 -16.03 -22.80 40.39
C ASP D 223 -17.35 -22.30 40.98
N VAL D 224 -17.45 -22.17 42.30
CA VAL D 224 -18.68 -21.69 42.91
C VAL D 224 -18.81 -20.18 42.69
N GLY D 225 -20.05 -19.71 42.65
CA GLY D 225 -20.28 -18.30 42.43
C GLY D 225 -21.45 -18.10 41.51
N VAL D 226 -21.57 -16.88 40.98
CA VAL D 226 -22.70 -16.51 40.13
C VAL D 226 -22.22 -16.44 38.69
N TYR D 227 -22.99 -17.05 37.78
CA TYR D 227 -22.67 -17.08 36.37
C TYR D 227 -23.61 -16.15 35.61
N TYR D 228 -23.04 -15.37 34.69
CA TYR D 228 -23.77 -14.35 33.96
C TYR D 228 -23.59 -14.53 32.46
N CYS D 229 -24.65 -14.28 31.71
CA CYS D 229 -24.61 -14.26 30.25
C CYS D 229 -24.94 -12.85 29.77
N MET D 230 -24.12 -12.36 28.85
CA MET D 230 -24.26 -11.02 28.31
C MET D 230 -24.31 -11.10 26.78
N GLN D 231 -25.09 -10.22 26.17
CA GLN D 231 -25.09 -10.09 24.72
C GLN D 231 -24.29 -8.88 24.28
N HIS D 232 -23.68 -9.00 23.11
CA HIS D 232 -22.93 -7.91 22.50
C HIS D 232 -23.40 -7.64 21.08
N LEU D 233 -24.63 -8.04 20.75
CA LEU D 233 -25.16 -7.81 19.41
C LEU D 233 -25.58 -6.36 19.22
N GLU D 234 -26.19 -5.75 20.24
CA GLU D 234 -26.66 -4.39 20.19
C GLU D 234 -26.07 -3.59 21.33
N TYR D 235 -26.02 -2.26 21.15
CA TYR D 235 -25.20 -1.43 22.01
C TYR D 235 -25.69 -1.23 23.44
N PRO D 236 -27.01 -1.19 23.74
CA PRO D 236 -27.39 -1.33 25.15
C PRO D 236 -27.16 -2.75 25.62
N LEU D 237 -25.92 -3.05 26.01
CA LEU D 237 -25.54 -4.40 26.40
C LEU D 237 -26.30 -4.83 27.65
N THR D 238 -26.85 -6.03 27.60
CA THR D 238 -27.76 -6.50 28.63
C THR D 238 -27.27 -7.83 29.20
N PHE D 239 -27.34 -7.95 30.51
CA PHE D 239 -26.98 -9.15 31.24
C PHE D 239 -28.25 -9.92 31.61
N GLY D 240 -28.05 -11.02 32.34
CA GLY D 240 -29.17 -11.72 32.94
C GLY D 240 -28.95 -11.86 34.43
N ALA D 241 -30.02 -12.08 35.18
CA ALA D 241 -29.88 -12.38 36.60
C ALA D 241 -29.20 -13.73 36.73
N GLY D 242 -27.95 -13.72 37.21
CA GLY D 242 -27.09 -14.87 37.07
C GLY D 242 -27.54 -16.07 37.90
N THR D 243 -26.97 -17.22 37.56
CA THR D 243 -27.28 -18.47 38.22
C THR D 243 -26.24 -18.74 39.29
N LYS D 244 -26.68 -19.04 40.51
CA LYS D 244 -25.78 -19.26 41.62
C LYS D 244 -25.46 -20.75 41.75
N LEU D 245 -24.18 -21.06 41.78
CA LEU D 245 -23.68 -22.41 42.01
C LEU D 245 -23.01 -22.43 43.37
N GLU D 246 -23.59 -23.19 44.29
CA GLU D 246 -23.07 -23.32 45.65
C GLU D 246 -22.97 -24.79 46.02
N LEU D 247 -22.13 -25.07 47.00
CA LEU D 247 -21.90 -26.44 47.43
C LEU D 247 -23.03 -26.93 48.35
N PRO E 6 -22.21 39.95 -47.39
CA PRO E 6 -21.83 40.12 -45.98
C PRO E 6 -22.93 39.66 -45.02
N ALA E 7 -23.09 38.35 -44.87
CA ALA E 7 -24.09 37.79 -43.96
C ALA E 7 -23.63 36.41 -43.54
N ILE E 8 -23.51 36.20 -42.22
CA ILE E 8 -23.12 34.90 -41.67
C ILE E 8 -24.20 34.45 -40.68
N PRO E 9 -25.40 34.06 -41.15
CA PRO E 9 -26.50 33.79 -40.21
C PRO E 9 -26.47 32.41 -39.58
N VAL E 10 -26.04 31.39 -40.32
CA VAL E 10 -26.19 30.01 -39.89
C VAL E 10 -24.86 29.30 -39.67
N ILE E 11 -23.75 29.87 -40.13
CA ILE E 11 -22.46 29.23 -39.89
C ILE E 11 -22.09 29.31 -38.41
N ILE E 12 -22.55 30.35 -37.71
CA ILE E 12 -22.32 30.44 -36.28
C ILE E 12 -23.06 29.35 -35.52
N THR E 13 -24.23 28.93 -36.01
CA THR E 13 -24.93 27.80 -35.39
C THR E 13 -24.18 26.50 -35.63
N ALA E 14 -23.57 26.35 -36.81
CA ALA E 14 -22.73 25.18 -37.06
C ALA E 14 -21.51 25.19 -36.16
N VAL E 15 -20.93 26.37 -35.93
CA VAL E 15 -19.80 26.51 -35.01
C VAL E 15 -20.21 26.12 -33.60
N TYR E 16 -21.38 26.58 -33.15
CA TYR E 16 -21.87 26.23 -31.83
C TYR E 16 -22.13 24.73 -31.70
N SER E 17 -22.69 24.11 -32.74
CA SER E 17 -22.92 22.67 -32.71
C SER E 17 -21.61 21.89 -32.67
N VAL E 18 -20.62 22.30 -33.47
CA VAL E 18 -19.33 21.62 -33.51
C VAL E 18 -18.62 21.75 -32.17
N VAL E 19 -18.66 22.95 -31.59
CA VAL E 19 -18.07 23.20 -30.28
C VAL E 19 -18.78 22.38 -29.22
N PHE E 20 -20.11 22.23 -29.33
CA PHE E 20 -20.88 21.41 -28.41
C PHE E 20 -20.47 19.95 -28.47
N VAL E 21 -20.34 19.42 -29.69
CA VAL E 21 -19.99 18.01 -29.88
C VAL E 21 -18.57 17.75 -29.37
N VAL E 22 -17.62 18.62 -29.74
CA VAL E 22 -16.23 18.44 -29.34
C VAL E 22 -16.08 18.55 -27.83
N GLY E 23 -16.71 19.56 -27.22
CA GLY E 23 -16.61 19.72 -25.78
C GLY E 23 -17.24 18.58 -25.01
N LEU E 24 -18.42 18.12 -25.44
CA LEU E 24 -19.07 17.00 -24.78
C LEU E 24 -18.24 15.73 -24.89
N VAL E 25 -17.70 15.45 -26.08
CA VAL E 25 -16.90 14.24 -26.28
C VAL E 25 -15.63 14.28 -25.45
N GLY E 26 -14.93 15.43 -25.46
CA GLY E 26 -13.69 15.53 -24.70
C GLY E 26 -13.91 15.44 -23.20
N ASN E 27 -14.92 16.14 -22.69
CA ASN E 27 -15.20 16.09 -21.26
C ASN E 27 -15.69 14.71 -20.83
N SER E 28 -16.52 14.06 -21.65
CA SER E 28 -16.98 12.72 -21.33
C SER E 28 -15.81 11.75 -21.27
N LEU E 29 -14.86 11.89 -22.20
CA LEU E 29 -13.64 11.09 -22.15
C LEU E 29 -12.83 11.37 -20.87
N VAL E 30 -12.74 12.65 -20.47
CA VAL E 30 -11.91 13.01 -19.33
C VAL E 30 -12.48 12.46 -18.02
N MET E 31 -13.78 12.71 -17.75
CA MET E 31 -14.34 12.07 -16.56
C MET E 31 -14.47 10.56 -16.69
N PHE E 32 -14.56 9.99 -17.90
CA PHE E 32 -14.48 8.54 -18.04
C PHE E 32 -13.12 8.02 -17.58
N VAL E 33 -12.05 8.75 -17.90
CA VAL E 33 -10.71 8.37 -17.47
C VAL E 33 -10.58 8.48 -15.95
N ILE E 34 -11.02 9.60 -15.38
CA ILE E 34 -10.85 9.79 -13.93
C ILE E 34 -11.86 8.99 -13.10
N ILE E 35 -12.89 8.42 -13.72
CA ILE E 35 -13.80 7.54 -13.02
C ILE E 35 -13.39 6.08 -13.14
N ARG E 36 -13.07 5.63 -14.36
CA ARG E 36 -12.79 4.22 -14.59
C ARG E 36 -11.31 3.84 -14.43
N TYR E 37 -10.40 4.77 -14.69
CA TYR E 37 -8.98 4.43 -14.79
C TYR E 37 -8.13 5.08 -13.71
N THR E 38 -8.17 6.40 -13.58
CA THR E 38 -7.24 7.13 -12.74
C THR E 38 -7.88 7.53 -11.42
N LYS E 39 -7.20 7.22 -10.32
CA LYS E 39 -7.67 7.53 -8.99
C LYS E 39 -7.32 8.98 -8.64
N MET E 40 -8.05 9.56 -7.68
CA MET E 40 -7.85 10.93 -7.22
C MET E 40 -6.73 11.07 -6.20
N LYS E 41 -5.75 10.15 -6.19
CA LYS E 41 -4.68 10.15 -5.19
C LYS E 41 -3.63 11.21 -5.44
N THR E 42 -3.71 11.95 -6.55
CA THR E 42 -2.76 13.02 -6.85
C THR E 42 -3.50 14.34 -7.01
N ALA E 43 -2.78 15.44 -6.76
CA ALA E 43 -3.39 16.75 -6.84
C ALA E 43 -3.73 17.14 -8.27
N THR E 44 -2.88 16.74 -9.22
CA THR E 44 -3.11 17.09 -10.62
C THR E 44 -4.38 16.45 -11.16
N ASN E 45 -4.76 15.28 -10.64
CA ASN E 45 -6.02 14.66 -11.04
C ASN E 45 -7.20 15.45 -10.51
N ILE E 46 -7.11 15.97 -9.29
CA ILE E 46 -8.17 16.80 -8.72
C ILE E 46 -8.34 18.07 -9.55
N TYR E 47 -7.23 18.70 -9.93
CA TYR E 47 -7.30 19.91 -10.76
C TYR E 47 -7.89 19.61 -12.14
N ILE E 48 -7.48 18.49 -12.76
CA ILE E 48 -7.99 18.13 -14.08
C ILE E 48 -9.49 17.84 -14.02
N PHE E 49 -9.93 17.12 -12.97
CA PHE E 49 -11.34 16.80 -12.83
C PHE E 49 -12.18 18.05 -12.59
N ASN E 50 -11.70 18.97 -11.76
CA ASN E 50 -12.45 20.21 -11.52
C ASN E 50 -12.53 21.06 -12.77
N LEU E 51 -11.43 21.14 -13.55
CA LEU E 51 -11.48 21.90 -14.78
C LEU E 51 -12.40 21.27 -15.80
N ALA E 52 -12.44 19.94 -15.86
CA ALA E 52 -13.35 19.25 -16.77
C ALA E 52 -14.81 19.47 -16.36
N LEU E 53 -15.08 19.47 -15.06
CA LEU E 53 -16.44 19.73 -14.58
C LEU E 53 -16.86 21.16 -14.90
N ALA E 54 -15.97 22.13 -14.70
CA ALA E 54 -16.28 23.51 -15.04
C ALA E 54 -16.46 23.69 -16.54
N ASP E 55 -15.66 23.00 -17.36
CA ASP E 55 -15.82 23.08 -18.79
C ASP E 55 -17.13 22.46 -19.26
N ALA E 56 -17.53 21.34 -18.66
CA ALA E 56 -18.83 20.74 -18.99
C ALA E 56 -19.99 21.61 -18.55
N LEU E 57 -19.84 22.30 -17.41
CA LEU E 57 -20.90 23.20 -16.98
C LEU E 57 -20.99 24.44 -17.86
N VAL E 58 -19.86 24.91 -18.39
CA VAL E 58 -19.89 25.93 -19.43
C VAL E 58 -20.56 25.39 -20.68
N THR E 59 -20.25 24.13 -21.03
CA THR E 59 -20.83 23.47 -22.20
C THR E 59 -22.35 23.37 -22.11
N THR E 60 -22.89 23.17 -20.91
CA THR E 60 -24.33 23.01 -20.75
C THR E 60 -25.11 24.28 -21.06
N THR E 61 -24.47 25.45 -21.03
CA THR E 61 -25.19 26.71 -21.19
C THR E 61 -25.15 27.25 -22.61
N MET E 62 -24.19 26.85 -23.41
CA MET E 62 -24.08 27.33 -24.78
C MET E 62 -25.15 26.85 -25.77
N PRO E 63 -25.88 25.74 -25.56
CA PRO E 63 -27.14 25.58 -26.31
C PRO E 63 -28.14 26.69 -26.04
N PHE E 64 -28.21 27.21 -24.81
CA PHE E 64 -29.08 28.35 -24.55
C PHE E 64 -28.61 29.58 -25.29
N GLN E 65 -27.29 29.77 -25.38
CA GLN E 65 -26.75 30.83 -26.21
C GLN E 65 -27.10 30.61 -27.68
N SER E 66 -27.11 29.35 -28.11
CA SER E 66 -27.48 29.03 -29.49
C SER E 66 -28.94 29.38 -29.77
N THR E 67 -29.84 29.07 -28.84
CA THR E 67 -31.25 29.38 -29.07
C THR E 67 -31.57 30.86 -28.87
N VAL E 68 -30.75 31.60 -28.11
CA VAL E 68 -30.88 33.05 -28.12
C VAL E 68 -30.38 33.62 -29.44
N TYR E 69 -29.31 33.04 -29.99
CA TYR E 69 -28.75 33.59 -31.21
C TYR E 69 -29.43 33.04 -32.45
N LEU E 70 -30.40 32.13 -32.28
CA LEU E 70 -31.22 31.72 -33.42
C LEU E 70 -32.26 32.79 -33.75
N MET E 71 -33.19 33.04 -32.83
CA MET E 71 -34.18 34.09 -33.00
C MET E 71 -34.10 35.05 -31.82
N ASN E 72 -34.19 36.35 -32.11
CA ASN E 72 -33.73 37.40 -31.21
C ASN E 72 -34.73 37.61 -30.06
N SER E 73 -34.76 36.64 -29.16
CA SER E 73 -35.61 36.74 -27.98
C SER E 73 -35.05 35.83 -26.90
N TRP E 74 -35.73 35.83 -25.74
CA TRP E 74 -35.42 34.94 -24.63
C TRP E 74 -36.68 34.15 -24.30
N PRO E 75 -36.89 32.99 -24.92
CA PRO E 75 -38.08 32.17 -24.66
C PRO E 75 -37.98 31.29 -23.42
N PHE E 76 -37.60 31.90 -22.30
CA PHE E 76 -37.54 31.21 -21.02
C PHE E 76 -37.98 32.17 -19.92
N GLY E 77 -38.11 31.63 -18.72
CA GLY E 77 -38.64 32.39 -17.60
C GLY E 77 -37.60 33.28 -16.96
N ASP E 78 -38.06 34.05 -15.97
CA ASP E 78 -37.16 34.90 -15.21
C ASP E 78 -36.25 34.10 -14.31
N VAL E 79 -36.78 33.03 -13.70
CA VAL E 79 -35.96 32.17 -12.84
C VAL E 79 -34.92 31.43 -13.67
N LEU E 80 -35.27 31.02 -14.89
CA LEU E 80 -34.29 30.41 -15.78
C LEU E 80 -33.23 31.41 -16.21
N CYS E 81 -33.62 32.68 -16.41
CA CYS E 81 -32.66 33.71 -16.74
C CYS E 81 -31.66 33.91 -15.60
N LYS E 82 -32.15 33.96 -14.36
CA LYS E 82 -31.26 34.14 -13.21
C LYS E 82 -30.34 32.94 -13.04
N ILE E 83 -30.88 31.73 -13.21
CA ILE E 83 -30.10 30.51 -13.05
C ILE E 83 -29.00 30.44 -14.11
N VAL E 84 -29.36 30.73 -15.36
CA VAL E 84 -28.39 30.65 -16.46
C VAL E 84 -27.30 31.71 -16.31
N LEU E 85 -27.68 32.94 -15.94
CA LEU E 85 -26.68 33.99 -15.77
C LEU E 85 -25.71 33.68 -14.63
N SER E 86 -26.23 33.23 -13.50
CA SER E 86 -25.36 32.92 -12.37
C SER E 86 -24.45 31.74 -12.69
N ILE E 87 -24.99 30.73 -13.38
CA ILE E 87 -24.18 29.57 -13.76
C ILE E 87 -23.08 29.97 -14.73
N ASP E 88 -23.41 30.86 -15.69
CA ASP E 88 -22.42 31.32 -16.67
C ASP E 88 -21.26 32.05 -15.99
N TYR E 89 -21.59 33.03 -15.14
CA TYR E 89 -20.54 33.79 -14.45
C TYR E 89 -19.71 32.89 -13.53
N TYR E 90 -20.38 32.03 -12.78
CA TYR E 90 -19.73 31.14 -11.83
C TYR E 90 -18.76 30.20 -12.54
N ASN E 91 -19.19 29.60 -13.65
CA ASN E 91 -18.35 28.63 -14.32
C ASN E 91 -17.21 29.28 -15.07
N MET E 92 -17.41 30.50 -15.61
CA MET E 92 -16.29 31.24 -16.18
C MET E 92 -15.22 31.50 -15.14
N PHE E 93 -15.63 31.99 -13.95
CA PHE E 93 -14.67 32.28 -12.90
C PHE E 93 -13.95 31.03 -12.40
N THR E 94 -14.68 29.92 -12.27
CA THR E 94 -14.04 28.72 -11.72
C THR E 94 -13.10 28.06 -12.72
N SER E 95 -13.45 28.07 -14.01
CA SER E 95 -12.53 27.58 -15.03
C SER E 95 -11.26 28.43 -15.07
N ILE E 96 -11.41 29.76 -15.00
CA ILE E 96 -10.26 30.65 -15.05
C ILE E 96 -9.35 30.45 -13.83
N PHE E 97 -9.95 30.36 -12.65
CA PHE E 97 -9.16 30.18 -11.43
C PHE E 97 -8.51 28.80 -11.37
N THR E 98 -9.15 27.78 -11.96
CA THR E 98 -8.51 26.46 -11.99
C THR E 98 -7.30 26.44 -12.92
N LEU E 99 -7.38 27.13 -14.08
CA LEU E 99 -6.20 27.27 -14.93
C LEU E 99 -5.07 28.01 -14.20
N THR E 100 -5.42 29.11 -13.52
CA THR E 100 -4.44 29.87 -12.75
C THR E 100 -3.79 29.03 -11.66
N MET E 101 -4.58 28.23 -10.96
CA MET E 101 -4.03 27.43 -9.87
C MET E 101 -3.20 26.25 -10.39
N MET E 102 -3.52 25.74 -11.57
CA MET E 102 -2.64 24.77 -12.22
C MET E 102 -1.28 25.38 -12.53
N SER E 103 -1.27 26.63 -13.01
CA SER E 103 -0.01 27.33 -13.25
C SER E 103 0.80 27.51 -11.96
N VAL E 104 0.13 27.90 -10.88
CA VAL E 104 0.82 28.11 -9.61
C VAL E 104 1.34 26.79 -9.04
N ASP E 105 0.57 25.70 -9.22
CA ASP E 105 1.00 24.38 -8.79
C ASP E 105 2.26 23.93 -9.54
N ARG E 106 2.30 24.15 -10.86
CA ARG E 106 3.49 23.77 -11.62
C ARG E 106 4.69 24.61 -11.23
N TYR E 107 4.49 25.91 -11.01
CA TYR E 107 5.58 26.77 -10.57
C TYR E 107 6.12 26.33 -9.22
N ILE E 108 5.23 25.95 -8.30
CA ILE E 108 5.68 25.47 -6.99
C ILE E 108 6.44 24.15 -7.14
N ALA E 109 5.97 23.26 -8.02
CA ALA E 109 6.64 21.98 -8.21
C ALA E 109 8.03 22.14 -8.81
N VAL E 110 8.25 23.16 -9.63
CA VAL E 110 9.57 23.33 -10.22
C VAL E 110 10.46 24.22 -9.33
N CYS E 111 10.06 25.47 -9.14
CA CYS E 111 10.93 26.45 -8.53
C CYS E 111 11.04 26.34 -7.01
N HIS E 112 10.12 25.62 -6.36
CA HIS E 112 10.16 25.41 -4.91
C HIS E 112 10.00 23.93 -4.63
N PRO E 113 11.02 23.13 -4.94
CA PRO E 113 10.82 21.67 -4.96
C PRO E 113 10.85 21.03 -3.58
N VAL E 114 11.60 21.61 -2.64
CA VAL E 114 11.67 21.06 -1.31
C VAL E 114 10.36 21.28 -0.55
N LYS E 115 9.77 22.46 -0.69
CA LYS E 115 8.50 22.75 -0.03
C LYS E 115 7.32 22.07 -0.70
N ALA E 116 7.44 21.73 -1.99
CA ALA E 116 6.35 21.09 -2.72
C ALA E 116 5.98 19.74 -2.12
N LEU E 117 6.95 19.04 -1.54
CA LEU E 117 6.68 17.78 -0.87
C LEU E 117 5.74 17.96 0.32
N ASP E 118 5.74 19.14 0.93
CA ASP E 118 4.80 19.46 1.99
C ASP E 118 3.61 20.29 1.51
N PHE E 119 3.49 20.52 0.21
CA PHE E 119 2.40 21.32 -0.32
C PHE E 119 1.53 20.58 -1.33
N ARG E 120 2.11 19.72 -2.15
CA ARG E 120 1.38 19.04 -3.21
C ARG E 120 0.76 17.74 -2.70
N THR E 121 -0.11 17.89 -1.72
CA THR E 121 -0.95 16.95 -1.01
C THR E 121 -2.37 17.05 -1.54
N PRO E 122 -3.04 15.91 -1.77
CA PRO E 122 -4.45 15.96 -2.21
C PRO E 122 -5.37 16.65 -1.23
N LEU E 123 -5.06 16.62 0.07
CA LEU E 123 -5.85 17.37 1.04
C LEU E 123 -5.76 18.86 0.79
N LYS E 124 -4.55 19.37 0.52
CA LYS E 124 -4.41 20.80 0.25
C LYS E 124 -4.97 21.17 -1.11
N ALA E 125 -4.91 20.25 -2.08
CA ALA E 125 -5.59 20.48 -3.36
C ALA E 125 -7.09 20.59 -3.17
N LYS E 126 -7.66 19.74 -2.32
CA LYS E 126 -9.07 19.82 -1.99
C LYS E 126 -9.41 21.13 -1.29
N ILE E 127 -8.55 21.57 -0.38
CA ILE E 127 -8.77 22.84 0.34
C ILE E 127 -8.78 24.01 -0.65
N ILE E 128 -7.81 24.03 -1.57
CA ILE E 128 -7.71 25.12 -2.55
C ILE E 128 -8.92 25.09 -3.49
N ASN E 129 -9.33 23.90 -3.92
CA ASN E 129 -10.48 23.78 -4.81
C ASN E 129 -11.76 24.25 -4.13
N ILE E 130 -11.96 23.88 -2.86
CA ILE E 130 -13.13 24.31 -2.11
C ILE E 130 -13.13 25.83 -1.94
N CYS E 131 -11.96 26.41 -1.67
CA CYS E 131 -11.87 27.87 -1.54
C CYS E 131 -12.21 28.56 -2.85
N ILE E 132 -11.72 28.03 -3.98
CA ILE E 132 -12.05 28.61 -5.28
C ILE E 132 -13.55 28.53 -5.54
N TRP E 133 -14.15 27.38 -5.24
CA TRP E 133 -15.57 27.18 -5.48
C TRP E 133 -16.41 28.13 -4.63
N LEU E 134 -16.02 28.37 -3.38
CA LEU E 134 -16.78 29.25 -2.51
C LEU E 134 -16.60 30.72 -2.87
N LEU E 135 -15.37 31.14 -3.15
CA LEU E 135 -15.14 32.52 -3.56
C LEU E 135 -15.71 32.85 -4.94
N SER E 136 -16.07 31.84 -5.72
CA SER E 136 -16.94 32.09 -6.86
C SER E 136 -18.42 31.97 -6.51
N SER E 137 -18.77 31.20 -5.48
CA SER E 137 -20.17 31.10 -5.04
C SER E 137 -20.68 32.42 -4.51
N SER E 138 -19.77 33.26 -4.01
CA SER E 138 -20.15 34.61 -3.60
C SER E 138 -20.77 35.39 -4.75
N VAL E 139 -20.07 35.46 -5.89
CA VAL E 139 -20.65 36.19 -7.02
C VAL E 139 -21.76 35.39 -7.69
N GLY E 140 -21.79 34.06 -7.52
CA GLY E 140 -22.91 33.29 -8.05
C GLY E 140 -24.24 33.64 -7.37
N ILE E 141 -24.23 33.71 -6.04
CA ILE E 141 -25.44 34.13 -5.36
C ILE E 141 -25.68 35.63 -5.57
N SER E 142 -24.60 36.41 -5.78
CA SER E 142 -24.79 37.83 -6.10
C SER E 142 -25.44 38.02 -7.46
N ALA E 143 -25.32 37.04 -8.35
CA ALA E 143 -26.02 37.10 -9.63
C ALA E 143 -27.40 36.48 -9.56
N ILE E 144 -27.63 35.55 -8.63
CA ILE E 144 -28.99 35.12 -8.31
C ILE E 144 -29.82 36.32 -7.84
N VAL E 145 -29.27 37.12 -6.93
CA VAL E 145 -30.05 38.18 -6.32
C VAL E 145 -30.26 39.37 -7.26
N LEU E 146 -29.47 39.48 -8.33
CA LEU E 146 -29.45 40.69 -9.15
C LEU E 146 -29.87 40.45 -10.59
N GLY E 147 -30.16 39.22 -10.99
CA GLY E 147 -30.54 38.92 -12.36
C GLY E 147 -31.93 39.38 -12.73
N GLY E 148 -32.46 38.83 -13.82
CA GLY E 148 -33.82 39.11 -14.23
C GLY E 148 -33.92 39.47 -15.69
N THR E 149 -35.12 39.87 -16.08
CA THR E 149 -35.42 40.25 -17.46
C THR E 149 -36.07 41.63 -17.49
N LYS E 150 -35.81 42.35 -18.57
CA LYS E 150 -36.36 43.69 -18.77
C LYS E 150 -37.01 43.75 -20.13
N VAL E 151 -38.23 44.26 -20.18
CA VAL E 151 -38.97 44.38 -21.44
C VAL E 151 -38.39 45.56 -22.22
N ARG E 152 -38.07 45.30 -23.48
CA ARG E 152 -37.57 46.36 -24.36
C ARG E 152 -38.70 46.93 -25.20
N ASP E 156 -41.92 44.62 -27.44
CA ASP E 156 -40.88 44.33 -28.42
C ASP E 156 -40.25 42.97 -28.14
N VAL E 157 -39.08 42.98 -27.49
CA VAL E 157 -38.34 41.77 -27.17
C VAL E 157 -38.05 41.75 -25.66
N ILE E 158 -37.53 40.63 -25.21
CA ILE E 158 -37.14 40.45 -23.82
C ILE E 158 -35.65 40.12 -23.78
N GLU E 159 -34.91 40.86 -22.98
CA GLU E 159 -33.48 40.60 -22.80
C GLU E 159 -33.26 39.86 -21.48
N CYS E 160 -32.21 39.06 -21.45
CA CYS E 160 -31.84 38.26 -20.28
C CYS E 160 -30.53 38.84 -19.75
N SER E 161 -30.65 39.84 -18.87
CA SER E 161 -29.50 40.61 -18.42
C SER E 161 -29.46 40.74 -16.92
N LEU E 162 -28.59 41.59 -16.41
CA LEU E 162 -28.53 41.88 -14.99
C LEU E 162 -29.37 43.12 -14.71
N GLN E 163 -30.35 42.99 -13.82
CA GLN E 163 -31.31 44.05 -13.57
C GLN E 163 -30.78 44.98 -12.49
N PHE E 164 -30.12 46.04 -12.91
CA PHE E 164 -29.64 47.06 -12.00
C PHE E 164 -30.75 48.04 -11.65
N PRO E 165 -30.70 48.67 -10.48
CA PRO E 165 -31.70 49.69 -10.14
C PRO E 165 -31.57 50.91 -11.04
N ASP E 166 -32.71 51.49 -11.41
CA ASP E 166 -32.82 52.67 -12.27
C ASP E 166 -32.13 52.47 -13.62
N SER E 170 -27.99 53.73 -16.00
CA SER E 170 -27.41 53.01 -14.88
C SER E 170 -25.89 53.03 -14.96
N TRP E 171 -25.22 52.90 -13.81
CA TRP E 171 -23.76 52.92 -13.75
C TRP E 171 -23.14 51.65 -13.18
N TRP E 172 -23.92 50.82 -12.48
CA TRP E 172 -23.37 49.58 -11.93
C TRP E 172 -22.98 48.59 -13.02
N ASP E 173 -23.52 48.75 -14.23
CA ASP E 173 -23.14 47.88 -15.35
C ASP E 173 -21.67 48.01 -15.67
N LEU E 174 -21.17 49.25 -15.75
CA LEU E 174 -19.76 49.48 -16.04
C LEU E 174 -18.87 48.91 -14.95
N PHE E 175 -19.28 49.07 -13.68
CA PHE E 175 -18.50 48.53 -12.58
C PHE E 175 -18.45 47.00 -12.63
N MET E 176 -19.56 46.36 -13.00
CA MET E 176 -19.55 44.91 -13.14
C MET E 176 -18.62 44.46 -14.26
N LYS E 177 -18.64 45.17 -15.40
CA LYS E 177 -17.74 44.81 -16.50
C LYS E 177 -16.27 45.01 -16.12
N ILE E 178 -15.94 46.10 -15.43
CA ILE E 178 -14.56 46.32 -14.99
C ILE E 178 -14.13 45.26 -13.98
N CYS E 179 -15.00 44.92 -13.04
CA CYS E 179 -14.66 43.91 -12.03
C CYS E 179 -14.44 42.55 -12.68
N VAL E 180 -15.29 42.19 -13.65
CA VAL E 180 -15.11 40.94 -14.38
C VAL E 180 -13.81 40.94 -15.17
N PHE E 181 -13.51 42.05 -15.86
CA PHE E 181 -12.29 42.13 -16.66
C PHE E 181 -11.03 42.11 -15.80
N ILE E 182 -11.10 42.66 -14.58
CA ILE E 182 -9.93 42.68 -13.72
C ILE E 182 -9.73 41.32 -13.06
N PHE E 183 -10.75 40.77 -12.42
CA PHE E 183 -10.62 39.53 -11.70
C PHE E 183 -10.95 38.30 -12.56
N ALA E 184 -10.99 38.46 -13.87
CA ALA E 184 -11.23 37.36 -14.78
C ALA E 184 -10.27 37.29 -15.95
N PHE E 185 -9.63 38.40 -16.33
CA PHE E 185 -8.69 38.39 -17.43
C PHE E 185 -7.30 38.84 -17.03
N VAL E 186 -7.18 39.98 -16.34
CA VAL E 186 -5.87 40.57 -16.12
C VAL E 186 -5.07 39.77 -15.10
N ILE E 187 -5.64 39.56 -13.91
CA ILE E 187 -4.93 38.83 -12.86
C ILE E 187 -4.58 37.39 -13.26
N PRO E 188 -5.49 36.59 -13.85
CA PRO E 188 -5.06 35.27 -14.34
C PRO E 188 -3.98 35.31 -15.41
N VAL E 189 -4.04 36.24 -16.37
CA VAL E 189 -3.02 36.30 -17.41
C VAL E 189 -1.66 36.63 -16.83
N LEU E 190 -1.60 37.63 -15.95
CA LEU E 190 -0.30 37.97 -15.36
C LEU E 190 0.22 36.87 -14.43
N ILE E 191 -0.66 36.21 -13.67
CA ILE E 191 -0.19 35.12 -12.82
C ILE E 191 0.35 33.96 -13.67
N ILE E 192 -0.36 33.60 -14.74
CA ILE E 192 0.06 32.51 -15.60
C ILE E 192 1.38 32.85 -16.31
N ILE E 193 1.50 34.10 -16.79
CA ILE E 193 2.70 34.54 -17.48
C ILE E 193 3.90 34.49 -16.54
N VAL E 194 3.75 35.06 -15.33
CA VAL E 194 4.86 35.08 -14.37
C VAL E 194 5.25 33.67 -13.96
N CYS E 195 4.25 32.83 -13.66
CA CYS E 195 4.51 31.48 -13.16
C CYS E 195 5.20 30.62 -14.20
N TYR E 196 4.68 30.58 -15.42
CA TYR E 196 5.32 29.79 -16.47
C TYR E 196 6.64 30.40 -16.94
N THR E 197 6.79 31.72 -16.92
CA THR E 197 8.07 32.32 -17.29
C THR E 197 9.16 31.94 -16.31
N LEU E 198 8.89 32.08 -15.01
CA LEU E 198 9.86 31.69 -13.99
C LEU E 198 10.09 30.18 -13.98
N MET E 199 9.06 29.40 -14.29
CA MET E 199 9.19 27.96 -14.38
C MET E 199 10.17 27.55 -15.49
N ILE E 200 9.98 28.10 -16.70
CA ILE E 200 10.85 27.75 -17.81
C ILE E 200 12.25 28.32 -17.60
N LEU E 201 12.36 29.51 -16.99
CA LEU E 201 13.67 30.08 -16.72
C LEU E 201 14.45 29.25 -15.70
N ARG E 202 13.77 28.70 -14.70
CA ARG E 202 14.44 27.80 -13.76
C ARG E 202 14.79 26.47 -14.44
N LEU E 203 13.89 25.97 -15.28
CA LEU E 203 14.13 24.69 -15.94
C LEU E 203 15.21 24.77 -17.00
N LYS E 204 15.54 25.97 -17.48
CA LYS E 204 16.63 26.11 -18.45
C LYS E 204 18.01 25.94 -17.82
N SER E 205 18.11 25.97 -16.50
CA SER E 205 19.37 25.81 -15.80
C SER E 205 19.36 24.56 -14.92
N VAL E 206 18.74 23.49 -15.41
CA VAL E 206 18.71 22.21 -14.71
C VAL E 206 19.55 21.22 -15.50
N ARG E 207 20.54 20.61 -14.83
CA ARG E 207 21.50 19.75 -15.51
C ARG E 207 20.86 18.45 -15.99
N LEU E 208 19.92 17.90 -15.23
CA LEU E 208 19.33 16.60 -15.51
C LEU E 208 18.32 16.65 -16.64
N LEU E 209 17.90 17.84 -17.05
CA LEU E 209 16.85 17.99 -18.04
C LEU E 209 17.32 18.72 -19.31
N SER E 210 18.56 19.20 -19.34
CA SER E 210 19.12 19.84 -20.52
C SER E 210 20.45 19.19 -20.85
N GLY E 211 21.19 19.80 -21.78
CA GLY E 211 22.52 19.35 -22.14
C GLY E 211 22.61 18.44 -23.35
N SER E 212 21.90 17.31 -23.31
CA SER E 212 21.96 16.32 -24.39
C SER E 212 20.99 16.71 -25.51
N ARG E 213 20.75 15.78 -26.42
CA ARG E 213 19.80 16.00 -27.51
C ARG E 213 18.37 15.67 -27.07
N GLU E 214 18.18 14.51 -26.44
CA GLU E 214 16.85 14.13 -25.97
C GLU E 214 16.39 15.03 -24.82
N LYS E 215 17.33 15.44 -23.96
CA LYS E 215 16.99 16.36 -22.87
C LYS E 215 16.56 17.72 -23.40
N ASP E 216 17.27 18.24 -24.40
CA ASP E 216 16.86 19.49 -25.02
C ASP E 216 15.54 19.34 -25.77
N ARG E 217 15.29 18.16 -26.35
CA ARG E 217 13.99 17.90 -26.97
C ARG E 217 12.87 17.93 -25.93
N ASN E 218 13.11 17.36 -24.75
CA ASN E 218 12.12 17.38 -23.68
C ASN E 218 11.86 18.81 -23.19
N LEU E 219 12.93 19.60 -23.02
CA LEU E 219 12.75 20.99 -22.62
C LEU E 219 11.98 21.78 -23.68
N ARG E 220 12.28 21.55 -24.96
CA ARG E 220 11.56 22.23 -26.03
C ARG E 220 10.10 21.82 -26.06
N ARG E 221 9.81 20.55 -25.80
CA ARG E 221 8.42 20.07 -25.76
C ARG E 221 7.65 20.72 -24.61
N ILE E 222 8.28 20.81 -23.44
CA ILE E 222 7.64 21.44 -22.28
C ILE E 222 7.37 22.91 -22.56
N THR E 223 8.36 23.63 -23.11
CA THR E 223 8.19 25.03 -23.39
C THR E 223 7.15 25.27 -24.49
N ARG E 224 7.08 24.36 -25.46
CA ARG E 224 6.08 24.48 -26.52
C ARG E 224 4.68 24.32 -25.96
N LEU E 225 4.47 23.36 -25.06
CA LEU E 225 3.15 23.18 -24.43
C LEU E 225 2.78 24.40 -23.59
N VAL E 226 3.78 24.97 -22.89
CA VAL E 226 3.55 26.19 -22.10
C VAL E 226 3.08 27.34 -22.98
N LEU E 227 3.83 27.62 -24.06
CA LEU E 227 3.43 28.71 -24.95
C LEU E 227 2.09 28.43 -25.63
N VAL E 228 1.79 27.15 -25.91
CA VAL E 228 0.49 26.80 -26.49
C VAL E 228 -0.64 27.16 -25.54
N VAL E 229 -0.55 26.75 -24.27
CA VAL E 229 -1.69 26.98 -23.38
C VAL E 229 -1.86 28.46 -23.06
N VAL E 230 -0.75 29.20 -22.91
CA VAL E 230 -0.87 30.63 -22.66
C VAL E 230 -1.44 31.36 -23.88
N ALA E 231 -1.00 30.97 -25.09
CA ALA E 231 -1.51 31.60 -26.31
C ALA E 231 -2.98 31.30 -26.52
N VAL E 232 -3.41 30.07 -26.22
CA VAL E 232 -4.83 29.73 -26.33
C VAL E 232 -5.67 30.58 -25.37
N PHE E 233 -5.20 30.73 -24.13
CA PHE E 233 -5.95 31.55 -23.17
C PHE E 233 -6.06 32.99 -23.64
N VAL E 234 -4.93 33.58 -24.08
CA VAL E 234 -4.95 34.99 -24.48
C VAL E 234 -5.80 35.18 -25.73
N VAL E 235 -5.66 34.30 -26.72
CA VAL E 235 -6.42 34.42 -27.97
C VAL E 235 -7.91 34.22 -27.72
N CYS E 236 -8.29 33.26 -26.87
CA CYS E 236 -9.71 33.00 -26.65
C CYS E 236 -10.36 34.09 -25.83
N TRP E 237 -9.67 34.66 -24.85
CA TRP E 237 -10.31 35.61 -23.97
C TRP E 237 -10.00 37.06 -24.28
N THR E 238 -9.20 37.34 -25.30
CA THR E 238 -8.95 38.74 -25.63
C THR E 238 -10.13 39.41 -26.33
N PRO E 239 -10.62 38.94 -27.49
CA PRO E 239 -11.54 39.79 -28.26
C PRO E 239 -12.90 39.94 -27.62
N ILE E 240 -13.35 38.94 -26.85
CA ILE E 240 -14.63 39.04 -26.16
C ILE E 240 -14.60 40.17 -25.13
N HIS E 241 -13.54 40.23 -24.32
CA HIS E 241 -13.41 41.28 -23.32
C HIS E 241 -13.15 42.63 -23.99
N ILE E 242 -12.36 42.64 -25.06
CA ILE E 242 -12.06 43.89 -25.76
C ILE E 242 -13.33 44.48 -26.37
N PHE E 243 -14.15 43.64 -27.00
CA PHE E 243 -15.40 44.14 -27.58
C PHE E 243 -16.37 44.58 -26.51
N ILE E 244 -16.40 43.87 -25.38
CA ILE E 244 -17.27 44.27 -24.27
C ILE E 244 -16.88 45.63 -23.75
N LEU E 245 -15.58 45.88 -23.55
CA LEU E 245 -15.16 47.18 -23.06
C LEU E 245 -15.27 48.27 -24.12
N VAL E 246 -15.14 47.93 -25.40
CA VAL E 246 -15.36 48.92 -26.45
C VAL E 246 -16.82 49.34 -26.48
N GLU E 247 -17.74 48.39 -26.38
CA GLU E 247 -19.15 48.73 -26.37
C GLU E 247 -19.55 49.42 -25.08
N ALA E 248 -18.87 49.13 -23.98
CA ALA E 248 -19.14 49.81 -22.73
C ALA E 248 -18.48 51.18 -22.64
N LEU E 249 -17.54 51.48 -23.54
CA LEU E 249 -16.87 52.78 -23.57
C LEU E 249 -16.78 53.29 -24.99
N GLY E 250 -17.86 53.11 -25.77
CA GLY E 250 -17.95 53.62 -27.11
C GLY E 250 -19.26 54.35 -27.32
N SER E 251 -19.57 54.62 -28.59
CA SER E 251 -20.81 55.27 -28.96
C SER E 251 -21.43 54.49 -30.13
N THR E 252 -22.18 53.44 -29.79
CA THR E 252 -22.87 52.54 -30.72
C THR E 252 -22.00 52.07 -31.87
N SER E 253 -22.65 51.72 -32.99
CA SER E 253 -22.00 51.33 -34.23
C SER E 253 -23.06 51.28 -35.33
N HIS E 254 -22.70 50.78 -36.50
CA HIS E 254 -23.66 50.62 -37.59
C HIS E 254 -24.50 49.35 -37.47
N SER E 255 -24.49 48.68 -36.31
CA SER E 255 -25.30 47.50 -36.00
C SER E 255 -24.91 46.38 -36.98
N THR E 256 -25.86 45.53 -37.38
CA THR E 256 -25.68 44.44 -38.33
C THR E 256 -24.54 43.51 -37.95
N ALA E 257 -23.50 43.48 -38.79
CA ALA E 257 -22.36 42.58 -38.58
C ALA E 257 -21.64 42.88 -37.28
N ALA E 258 -21.63 44.16 -36.86
CA ALA E 258 -21.01 44.55 -35.59
C ALA E 258 -21.68 43.89 -34.40
N LEU E 259 -22.91 43.42 -34.55
CA LEU E 259 -23.49 42.54 -33.55
C LEU E 259 -23.16 41.08 -33.82
N SER E 260 -23.25 40.67 -35.09
CA SER E 260 -23.20 39.24 -35.44
C SER E 260 -21.85 38.63 -35.12
N SER E 261 -20.76 39.33 -35.45
CA SER E 261 -19.42 38.85 -35.11
C SER E 261 -19.23 38.78 -33.61
N TYR E 262 -19.95 39.62 -32.86
CA TYR E 262 -19.97 39.51 -31.41
C TYR E 262 -20.40 38.13 -30.96
N TYR E 263 -21.40 37.55 -31.64
CA TYR E 263 -21.80 36.17 -31.39
C TYR E 263 -20.62 35.24 -31.61
N PHE E 264 -19.89 35.44 -32.72
CA PHE E 264 -18.68 34.68 -33.00
C PHE E 264 -17.65 34.88 -31.92
N CYS E 265 -17.54 36.11 -31.39
CA CYS E 265 -16.62 36.37 -30.29
C CYS E 265 -16.97 35.52 -29.08
N ILE E 266 -18.28 35.37 -28.81
CA ILE E 266 -18.72 34.53 -27.70
C ILE E 266 -18.27 33.10 -27.94
N ALA E 267 -18.30 32.65 -29.20
CA ALA E 267 -17.88 31.30 -29.55
C ALA E 267 -16.42 31.08 -29.18
N LEU E 268 -15.59 32.12 -29.32
CA LEU E 268 -14.18 31.98 -28.99
C LEU E 268 -13.99 31.63 -27.53
N GLY E 269 -14.85 32.19 -26.66
CA GLY E 269 -14.80 31.82 -25.26
C GLY E 269 -15.06 30.34 -25.07
N TYR E 270 -16.08 29.81 -25.74
CA TYR E 270 -16.36 28.39 -25.66
C TYR E 270 -15.27 27.56 -26.29
N THR E 271 -14.48 28.16 -27.19
CA THR E 271 -13.32 27.48 -27.76
C THR E 271 -12.36 27.05 -26.65
N ASN E 272 -12.24 27.87 -25.60
CA ASN E 272 -11.40 27.52 -24.46
C ASN E 272 -11.88 26.23 -23.82
N SER E 273 -13.20 26.09 -23.65
CA SER E 273 -13.74 24.87 -23.06
C SER E 273 -13.55 23.66 -23.96
N CYS E 274 -13.28 23.86 -25.25
CA CYS E 274 -13.00 22.74 -26.12
C CYS E 274 -11.55 22.30 -26.08
N LEU E 275 -10.66 23.09 -25.49
CA LEU E 275 -9.25 22.76 -25.59
C LEU E 275 -8.61 22.36 -24.28
N ASN E 276 -9.18 22.75 -23.14
CA ASN E 276 -8.65 22.33 -21.85
C ASN E 276 -8.66 20.81 -21.63
N PRO E 277 -9.69 20.03 -22.02
CA PRO E 277 -9.51 18.57 -22.03
C PRO E 277 -8.41 18.11 -22.96
N ILE E 278 -8.20 18.80 -24.08
CA ILE E 278 -7.11 18.42 -24.98
C ILE E 278 -5.77 18.84 -24.42
N LEU E 279 -5.68 20.04 -23.86
CA LEU E 279 -4.40 20.61 -23.46
C LEU E 279 -3.95 20.19 -22.06
N TYR E 280 -4.76 19.42 -21.33
CA TYR E 280 -4.39 19.02 -19.98
C TYR E 280 -4.61 17.54 -19.69
N ALA E 281 -5.29 16.81 -20.57
CA ALA E 281 -5.45 15.37 -20.41
C ALA E 281 -4.87 14.58 -21.57
N PHE E 282 -5.08 15.05 -22.81
CA PHE E 282 -4.51 14.39 -23.96
C PHE E 282 -3.00 14.58 -24.03
N LEU E 283 -2.51 15.74 -23.59
CA LEU E 283 -1.07 16.01 -23.55
C LEU E 283 -0.45 15.69 -22.20
N ASP E 284 -1.23 15.19 -21.25
CA ASP E 284 -0.69 14.80 -19.95
C ASP E 284 0.10 13.49 -20.08
N GLU E 285 1.21 13.40 -19.35
CA GLU E 285 2.05 12.21 -19.44
C GLU E 285 1.45 11.03 -18.69
N ASN E 286 0.82 11.28 -17.54
CA ASN E 286 0.27 10.18 -16.75
C ASN E 286 -0.98 9.59 -17.40
N PHE E 287 -1.77 10.41 -18.10
CA PHE E 287 -2.96 9.91 -18.75
C PHE E 287 -2.67 9.17 -20.04
N LYS E 288 -1.47 9.29 -20.59
CA LYS E 288 -1.09 8.55 -21.79
C LYS E 288 -0.56 7.16 -21.48
N ARG E 289 -0.46 6.79 -20.20
CA ARG E 289 0.01 5.46 -19.82
C ARG E 289 -1.11 4.66 -19.17
N TYR F 2 -23.94 44.34 -28.15
CA TYR F 2 -23.34 45.59 -28.63
C TYR F 2 -24.11 46.82 -28.10
N ALA F 3 -25.53 47.05 -28.45
CA ALA F 3 -26.29 48.20 -27.97
C ALA F 3 -27.76 47.91 -28.30
N THR F 5 -31.18 46.56 -26.32
CA THR F 5 -30.49 45.27 -26.67
C THR F 5 -29.08 45.05 -26.06
N THR F 6 -28.99 44.89 -24.73
CA THR F 6 -27.76 44.56 -24.02
C THR F 6 -27.98 43.29 -23.18
N CYS F 7 -27.89 41.95 -23.79
CA CYS F 7 -27.57 41.77 -25.19
C CYS F 7 -28.56 40.88 -25.99
N THR F 8 -29.36 39.70 -25.49
CA THR F 8 -29.38 39.14 -24.14
C THR F 8 -27.99 38.60 -23.74
#